data_4CIJ
#
_entry.id   4CIJ
#
_cell.length_a   66.111
_cell.length_b   136.848
_cell.length_c   149.157
_cell.angle_alpha   90.00
_cell.angle_beta   90.00
_cell.angle_gamma   90.00
#
_symmetry.space_group_name_H-M   'P 21 21 21'
#
loop_
_entity.id
_entity.type
_entity.pdbx_description
1 polymer 'GST REP'
2 water water
#
_entity_poly.entity_id   1
_entity_poly.type   'polypeptide(L)'
_entity_poly.pdbx_seq_one_letter_code
;SHMSGLKPCVDWLQVTFKTGQDSVKKCVEKLEKVFEILGLNEAEFLPLKNGKYGYKQGVAFQGNPVLAVYYDGADDMGIH
VEMTGQGCRLFELHTSINWYELFYRLVYEYEVNITRLDVAVDDFKGYFKINTLVKKLKDDEVTSRFKKARHIENIVIEGG
ETIGHTLYFGAPSSDIQVRFYEKNVQMGMDIDVWNRTEIQLRDDRAHVVAQIIADDVLPLGEIVAGLLRNYIQFRTRKAT
DKNKKRWPLARFWLNFLGDVQPLRIAKQMPK
;
_entity_poly.pdbx_strand_id   A,B,C,D
#
# COMPACT_ATOMS: atom_id res chain seq x y z
N MET A 3 -1.92 44.66 -8.03
CA MET A 3 -2.52 43.63 -7.12
C MET A 3 -4.05 43.48 -7.28
N SER A 4 -4.47 43.11 -8.49
CA SER A 4 -5.83 42.62 -8.73
C SER A 4 -5.85 41.61 -9.91
N GLY A 5 -6.99 40.93 -10.10
CA GLY A 5 -7.09 39.91 -11.15
C GLY A 5 -6.16 38.72 -10.91
N LEU A 6 -5.71 38.12 -12.01
CA LEU A 6 -4.81 37.00 -12.06
C LEU A 6 -3.52 37.44 -12.73
N LYS A 7 -2.37 37.06 -12.19
CA LYS A 7 -1.08 37.43 -12.77
C LYS A 7 -0.15 36.23 -12.71
N PRO A 8 0.43 35.86 -13.84
CA PRO A 8 1.34 34.74 -13.88
C PRO A 8 2.74 35.24 -13.57
N CYS A 9 3.63 34.32 -13.23
CA CYS A 9 5.03 34.67 -13.08
C CYS A 9 5.91 33.45 -12.95
N VAL A 10 7.19 33.66 -13.19
CA VAL A 10 8.20 32.70 -12.90
C VAL A 10 8.55 32.92 -11.44
N ASP A 11 8.69 31.85 -10.68
CA ASP A 11 8.85 31.96 -9.22
C ASP A 11 10.00 31.18 -8.62
N TRP A 12 10.75 30.49 -9.43
CA TRP A 12 11.95 29.86 -8.93
C TRP A 12 12.72 29.48 -10.16
N LEU A 13 14.03 29.57 -10.07
CA LEU A 13 14.88 29.08 -11.14
C LEU A 13 16.22 28.65 -10.61
N GLN A 14 16.62 27.47 -11.01
CA GLN A 14 17.91 26.93 -10.66
C GLN A 14 18.50 26.34 -11.89
N VAL A 15 19.71 26.79 -12.25
CA VAL A 15 20.38 26.32 -13.46
C VAL A 15 21.87 26.16 -13.20
N THR A 16 22.47 25.21 -13.87
CA THR A 16 23.88 24.94 -13.74
C THR A 16 24.53 25.08 -15.09
N PHE A 17 25.55 25.94 -15.17
CA PHE A 17 26.37 26.09 -16.39
C PHE A 17 27.44 25.05 -16.37
N LYS A 18 27.37 24.11 -17.31
CA LYS A 18 28.32 22.99 -17.35
C LYS A 18 29.63 23.45 -18.00
N THR A 19 30.72 22.79 -17.64
CA THR A 19 32.07 23.21 -18.08
C THR A 19 32.66 22.18 -19.03
N GLY A 20 33.48 22.67 -19.97
CA GLY A 20 34.33 21.83 -20.83
C GLY A 20 33.61 20.83 -21.73
N GLN A 21 32.39 21.14 -22.11
CA GLN A 21 31.66 20.28 -23.05
C GLN A 21 32.15 20.64 -24.46
N ASP A 22 32.28 19.64 -25.33
CA ASP A 22 32.36 19.87 -26.77
C ASP A 22 30.91 19.85 -27.27
N SER A 23 30.24 20.94 -26.92
CA SER A 23 28.79 21.08 -27.08
C SER A 23 28.54 21.97 -28.25
N VAL A 24 27.37 21.81 -28.86
CA VAL A 24 27.00 22.74 -29.94
C VAL A 24 26.80 24.16 -29.39
N LYS A 25 26.39 24.25 -28.13
CA LYS A 25 26.22 25.52 -27.42
C LYS A 25 27.45 25.93 -26.60
N LYS A 26 27.55 27.21 -26.30
CA LYS A 26 28.72 27.79 -25.65
C LYS A 26 28.76 27.41 -24.15
N CYS A 27 29.89 26.90 -23.72
CA CYS A 27 30.18 26.67 -22.32
C CYS A 27 30.58 27.97 -21.65
N VAL A 28 30.05 28.21 -20.46
CA VAL A 28 30.41 29.37 -19.67
C VAL A 28 31.36 28.91 -18.59
N GLU A 29 32.44 29.68 -18.38
CA GLU A 29 33.45 29.32 -17.40
C GLU A 29 33.78 30.38 -16.36
N LYS A 30 33.26 31.59 -16.55
CA LYS A 30 33.57 32.70 -15.64
C LYS A 30 32.34 33.32 -15.03
N LEU A 31 32.46 33.68 -13.75
CA LEU A 31 31.38 34.36 -13.05
C LEU A 31 30.92 35.61 -13.75
N GLU A 32 31.87 36.37 -14.27
CA GLU A 32 31.57 37.60 -14.96
C GLU A 32 30.64 37.36 -16.14
N LYS A 33 30.88 36.29 -16.87
CA LYS A 33 30.03 35.96 -17.99
C LYS A 33 28.60 35.63 -17.48
N VAL A 34 28.53 34.89 -16.39
CA VAL A 34 27.23 34.58 -15.82
C VAL A 34 26.47 35.84 -15.51
N PHE A 35 27.11 36.80 -14.86
CA PHE A 35 26.47 38.08 -14.54
C PHE A 35 25.93 38.75 -15.79
N GLU A 36 26.69 38.63 -16.87
CA GLU A 36 26.30 39.24 -18.12
C GLU A 36 25.09 38.51 -18.75
N ILE A 37 25.10 37.19 -18.71
CA ILE A 37 23.97 36.42 -19.19
C ILE A 37 22.67 36.80 -18.48
N LEU A 38 22.78 37.12 -17.20
CA LEU A 38 21.65 37.53 -16.43
C LEU A 38 21.27 38.99 -16.64
N GLY A 39 22.12 39.73 -17.34
CA GLY A 39 21.88 41.16 -17.54
C GLY A 39 21.97 41.93 -16.26
N LEU A 40 22.87 41.51 -15.40
CA LEU A 40 23.05 42.14 -14.11
C LEU A 40 24.48 42.67 -13.97
N ASN A 41 24.58 43.77 -13.27
CA ASN A 41 25.85 44.46 -13.08
C ASN A 41 26.78 43.71 -12.11
N GLU A 42 27.95 43.33 -12.59
CA GLU A 42 28.99 42.68 -11.77
C GLU A 42 29.30 43.36 -10.43
N ALA A 43 29.41 44.67 -10.48
CA ALA A 43 29.72 45.45 -9.30
C ALA A 43 28.68 45.26 -8.22
N GLU A 44 27.47 44.79 -8.57
CA GLU A 44 26.46 44.64 -7.54
C GLU A 44 26.50 43.33 -6.74
N PHE A 45 27.40 42.43 -7.11
CA PHE A 45 27.45 41.12 -6.45
C PHE A 45 28.43 41.14 -5.33
N LEU A 46 28.05 40.61 -4.19
CA LEU A 46 28.96 40.54 -3.04
C LEU A 46 29.16 39.09 -2.62
N PRO A 47 30.29 38.78 -1.98
CA PRO A 47 30.50 37.45 -1.44
C PRO A 47 29.48 37.01 -0.38
N LEU A 48 29.15 35.73 -0.33
CA LEU A 48 28.32 35.16 0.75
C LEU A 48 29.19 34.50 1.82
N LYS A 49 28.65 34.34 3.05
CA LYS A 49 29.41 33.70 4.15
C LYS A 49 29.76 32.30 3.70
N ASN A 50 28.74 31.57 3.22
CA ASN A 50 28.95 30.20 2.83
C ASN A 50 28.66 29.88 1.40
N GLY A 51 29.24 28.78 0.94
CA GLY A 51 28.77 28.09 -0.25
C GLY A 51 27.49 27.32 0.09
N LYS A 52 27.13 26.37 -0.79
CA LYS A 52 25.91 25.60 -0.68
C LYS A 52 25.97 24.46 -1.66
N TYR A 53 25.22 23.41 -1.41
CA TYR A 53 25.23 22.23 -2.24
C TYR A 53 26.72 21.89 -2.12
N GLY A 54 27.33 21.33 -3.11
CA GLY A 54 28.78 21.03 -2.90
C GLY A 54 29.68 22.10 -3.49
N TYR A 55 29.21 23.35 -3.58
CA TYR A 55 30.01 24.48 -3.98
C TYR A 55 30.64 25.21 -2.79
N LYS A 56 31.96 25.45 -2.86
CA LYS A 56 32.72 26.02 -1.74
C LYS A 56 32.43 27.47 -1.50
N GLN A 57 32.08 28.19 -2.57
CA GLN A 57 31.92 29.60 -2.47
C GLN A 57 30.67 30.06 -3.15
N GLY A 58 30.24 31.26 -2.80
CA GLY A 58 29.14 31.92 -3.50
C GLY A 58 29.16 33.44 -3.45
N VAL A 59 28.54 34.06 -4.47
CA VAL A 59 28.21 35.47 -4.45
C VAL A 59 26.71 35.66 -4.59
N ALA A 60 26.24 36.85 -4.26
CA ALA A 60 24.86 37.14 -4.35
C ALA A 60 24.61 38.60 -4.71
N PHE A 61 23.49 38.81 -5.39
CA PHE A 61 23.13 40.14 -5.88
C PHE A 61 22.80 41.00 -4.69
N GLN A 62 23.52 42.12 -4.58
CA GLN A 62 23.40 42.99 -3.44
C GLN A 62 23.51 42.23 -2.14
N GLY A 63 24.34 41.19 -2.11
CA GLY A 63 24.54 40.43 -0.85
C GLY A 63 23.35 39.60 -0.45
N ASN A 64 22.32 39.56 -1.29
CA ASN A 64 21.08 38.90 -0.89
C ASN A 64 20.95 37.44 -1.45
N PRO A 65 20.97 36.44 -0.57
CA PRO A 65 21.06 35.04 -0.99
C PRO A 65 19.84 34.48 -1.76
N VAL A 66 18.76 35.23 -1.86
CA VAL A 66 17.66 34.94 -2.77
C VAL A 66 18.04 34.96 -4.26
N LEU A 67 19.20 35.47 -4.59
CA LEU A 67 19.66 35.51 -5.94
C LEU A 67 21.15 35.29 -5.88
N ALA A 68 21.55 34.03 -6.03
CA ALA A 68 22.85 33.59 -5.68
C ALA A 68 23.49 32.84 -6.79
N VAL A 69 24.81 32.90 -6.82
CA VAL A 69 25.60 32.22 -7.84
C VAL A 69 26.70 31.49 -7.08
N TYR A 70 26.72 30.18 -7.21
CA TYR A 70 27.63 29.32 -6.45
C TYR A 70 28.66 28.76 -7.39
N TYR A 71 29.86 28.60 -6.88
CA TYR A 71 30.97 28.13 -7.70
C TYR A 71 32.05 27.47 -6.85
N ASP A 72 33.08 26.99 -7.52
CA ASP A 72 34.19 26.33 -6.86
C ASP A 72 33.73 25.02 -6.23
N GLY A 73 33.08 24.20 -7.04
CA GLY A 73 32.67 22.85 -6.61
C GLY A 73 33.62 21.81 -7.20
N ALA A 74 33.25 20.56 -7.10
CA ALA A 74 34.07 19.45 -7.60
C ALA A 74 34.12 19.50 -9.10
N ASP A 75 34.99 18.67 -9.67
CA ASP A 75 35.20 18.62 -11.09
C ASP A 75 33.87 18.49 -11.81
N ASP A 76 33.70 19.31 -12.84
CA ASP A 76 32.52 19.33 -13.70
C ASP A 76 31.20 19.73 -13.02
N MET A 77 31.26 20.47 -11.92
CA MET A 77 30.02 20.97 -11.34
C MET A 77 29.62 22.36 -11.80
N GLY A 78 30.56 23.05 -12.43
CA GLY A 78 30.26 24.26 -13.13
C GLY A 78 29.91 25.40 -12.18
N ILE A 79 28.96 26.20 -12.61
CA ILE A 79 28.49 27.33 -11.83
C ILE A 79 26.98 27.22 -11.71
N HIS A 80 26.47 27.36 -10.49
CA HIS A 80 25.07 27.13 -10.23
C HIS A 80 24.41 28.43 -9.84
N VAL A 81 23.32 28.77 -10.52
CA VAL A 81 22.52 29.93 -10.16
C VAL A 81 21.25 29.48 -9.49
N GLU A 82 20.91 30.16 -8.41
CA GLU A 82 19.67 29.92 -7.70
C GLU A 82 18.94 31.20 -7.46
N MET A 83 17.70 31.22 -7.90
CA MET A 83 16.88 32.38 -7.81
C MET A 83 15.58 31.92 -7.16
N THR A 84 15.34 32.31 -5.92
CA THR A 84 14.09 31.93 -5.23
C THR A 84 12.97 32.86 -5.69
N GLY A 85 11.81 32.74 -5.06
CA GLY A 85 10.68 33.59 -5.42
C GLY A 85 11.07 35.06 -5.36
N GLN A 86 11.55 35.43 -4.19
CA GLN A 86 11.90 36.80 -3.93
C GLN A 86 13.03 37.19 -4.83
N GLY A 87 13.88 36.23 -5.15
CA GLY A 87 14.99 36.48 -6.08
C GLY A 87 14.53 36.74 -7.50
N CYS A 88 13.42 36.13 -7.88
CA CYS A 88 12.91 36.37 -9.24
C CYS A 88 12.38 37.82 -9.30
N ARG A 89 11.71 38.29 -8.24
CA ARG A 89 11.26 39.70 -8.20
C ARG A 89 12.41 40.67 -8.19
N LEU A 90 13.43 40.31 -7.45
CA LEU A 90 14.60 41.12 -7.42
C LEU A 90 15.26 41.16 -8.81
N PHE A 91 15.33 40.02 -9.48
CA PHE A 91 15.91 39.95 -10.85
C PHE A 91 15.15 40.89 -11.78
N GLU A 92 13.82 40.85 -11.69
CA GLU A 92 12.97 41.66 -12.53
C GLU A 92 13.25 43.15 -12.37
N LEU A 93 13.45 43.59 -11.13
CA LEU A 93 13.65 44.99 -10.88
C LEU A 93 14.94 45.53 -11.46
N HIS A 94 15.97 44.71 -11.64
CA HIS A 94 17.31 45.23 -11.92
C HIS A 94 17.92 44.74 -13.21
N THR A 95 17.37 43.70 -13.78
CA THR A 95 18.00 43.16 -14.97
C THR A 95 17.80 44.13 -16.12
N SER A 96 18.74 44.05 -17.05
CA SER A 96 18.72 44.85 -18.26
C SER A 96 18.14 44.03 -19.41
N ILE A 97 17.72 42.79 -19.16
CA ILE A 97 17.02 42.02 -20.19
C ILE A 97 15.64 41.66 -19.68
N ASN A 98 15.06 40.58 -20.22
CA ASN A 98 13.81 40.10 -19.69
C ASN A 98 13.69 38.59 -19.73
N TRP A 99 12.59 38.07 -19.19
CA TRP A 99 12.44 36.64 -18.99
C TRP A 99 12.61 35.86 -20.26
N TYR A 100 11.94 36.33 -21.29
CA TYR A 100 12.03 35.70 -22.61
C TYR A 100 13.49 35.60 -23.10
N GLU A 101 14.22 36.69 -22.98
CA GLU A 101 15.62 36.71 -23.37
C GLU A 101 16.48 35.81 -22.51
N LEU A 102 16.28 35.82 -21.19
CA LEU A 102 17.04 34.92 -20.30
C LEU A 102 16.86 33.46 -20.67
N PHE A 103 15.60 33.06 -20.87
CA PHE A 103 15.36 31.64 -21.22
C PHE A 103 15.85 31.31 -22.62
N TYR A 104 15.73 32.28 -23.53
CA TYR A 104 16.32 32.11 -24.84
C TYR A 104 17.79 31.76 -24.71
N ARG A 105 18.52 32.59 -23.96
CA ARG A 105 19.95 32.34 -23.77
C ARG A 105 20.20 30.99 -23.11
N LEU A 106 19.38 30.62 -22.11
CA LEU A 106 19.61 29.35 -21.39
C LEU A 106 19.28 28.15 -22.21
N VAL A 107 18.20 28.26 -22.99
CA VAL A 107 17.78 27.13 -23.79
C VAL A 107 18.59 26.96 -25.11
N TYR A 108 18.87 28.06 -25.83
CA TYR A 108 19.45 27.99 -27.18
C TYR A 108 20.92 28.44 -27.28
N GLU A 109 21.38 29.37 -26.45
CA GLU A 109 22.74 29.95 -26.60
C GLU A 109 23.79 29.22 -25.78
N TYR A 110 23.48 28.90 -24.51
CA TYR A 110 24.51 28.29 -23.65
C TYR A 110 24.17 26.87 -23.16
N GLU A 111 25.19 26.17 -22.69
CA GLU A 111 25.11 24.78 -22.26
C GLU A 111 24.81 24.72 -20.78
N VAL A 112 23.55 24.48 -20.45
CA VAL A 112 23.11 24.57 -19.09
C VAL A 112 22.20 23.41 -18.76
N ASN A 113 22.17 23.01 -17.50
CA ASN A 113 21.10 22.17 -17.00
C ASN A 113 20.17 22.99 -16.16
N ILE A 114 18.92 23.01 -16.58
CA ILE A 114 17.90 23.67 -15.82
C ILE A 114 17.32 22.62 -14.87
N THR A 115 17.66 22.74 -13.59
CA THR A 115 17.28 21.71 -12.62
C THR A 115 15.94 21.97 -11.94
N ARG A 116 15.51 23.21 -11.86
CA ARG A 116 14.21 23.52 -11.26
C ARG A 116 13.67 24.83 -11.79
N LEU A 117 12.37 24.82 -12.07
CA LEU A 117 11.66 26.01 -12.49
C LEU A 117 10.28 25.97 -11.94
N ASP A 118 9.86 27.03 -11.28
CA ASP A 118 8.50 27.09 -10.72
C ASP A 118 7.78 28.16 -11.48
N VAL A 119 6.54 27.91 -11.83
CA VAL A 119 5.68 28.91 -12.36
C VAL A 119 4.47 29.06 -11.46
N ALA A 120 3.94 30.27 -11.40
CA ALA A 120 2.90 30.61 -10.43
C ALA A 120 1.85 31.52 -11.03
N VAL A 121 0.69 31.53 -10.38
CA VAL A 121 -0.37 32.44 -10.62
C VAL A 121 -0.79 33.11 -9.29
N ASP A 122 -0.77 34.43 -9.24
CA ASP A 122 -1.41 35.19 -8.17
C ASP A 122 -2.84 35.50 -8.49
N ASP A 123 -3.72 35.25 -7.53
CA ASP A 123 -5.13 35.49 -7.65
C ASP A 123 -5.51 36.55 -6.60
N PHE A 124 -5.83 37.76 -7.06
CA PHE A 124 -6.26 38.85 -6.17
C PHE A 124 -7.74 39.08 -6.18
N LYS A 125 -8.44 38.36 -7.04
CA LYS A 125 -9.87 38.44 -7.17
C LYS A 125 -10.60 37.50 -6.21
N GLY A 126 -10.23 36.24 -6.25
CA GLY A 126 -10.72 35.24 -5.30
C GLY A 126 -11.64 34.27 -5.99
N TYR A 127 -11.07 33.41 -6.83
CA TYR A 127 -11.86 32.46 -7.59
C TYR A 127 -12.31 31.31 -6.70
N PHE A 128 -11.63 31.14 -5.57
CA PHE A 128 -12.00 30.10 -4.62
C PHE A 128 -11.25 30.38 -3.33
N LYS A 129 -11.65 29.70 -2.28
CA LYS A 129 -10.95 29.74 -1.04
C LYS A 129 -10.25 28.41 -0.91
N ILE A 130 -9.02 28.44 -0.38
CA ILE A 130 -8.25 27.20 -0.29
C ILE A 130 -9.01 26.18 0.53
N ASN A 131 -9.70 26.66 1.56
CA ASN A 131 -10.45 25.77 2.41
C ASN A 131 -11.59 25.03 1.68
N THR A 132 -12.13 25.65 0.63
CA THR A 132 -13.11 24.94 -0.23
C THR A 132 -12.47 23.75 -0.91
N LEU A 133 -11.24 23.94 -1.39
CA LEU A 133 -10.51 22.84 -2.02
C LEU A 133 -10.29 21.71 -1.04
N VAL A 134 -9.92 22.09 0.19
CA VAL A 134 -9.67 21.10 1.25
C VAL A 134 -10.93 20.29 1.50
N LYS A 135 -12.05 21.00 1.58
CA LYS A 135 -13.35 20.38 1.81
C LYS A 135 -13.74 19.40 0.67
N LYS A 136 -13.56 19.82 -0.57
CA LYS A 136 -13.85 18.96 -1.71
C LYS A 136 -13.04 17.68 -1.65
N LEU A 137 -11.79 17.79 -1.23
CA LEU A 137 -10.93 16.62 -1.20
C LEU A 137 -11.46 15.64 -0.18
N LYS A 138 -11.87 16.18 0.96
CA LYS A 138 -12.29 15.32 2.06
C LYS A 138 -13.67 14.71 1.77
N ASP A 139 -14.50 15.44 1.03
CA ASP A 139 -15.80 14.92 0.53
C ASP A 139 -15.68 14.00 -0.68
N ASP A 140 -14.48 13.56 -1.03
CA ASP A 140 -14.29 12.66 -2.16
C ASP A 140 -14.77 13.20 -3.51
N GLU A 141 -14.61 14.51 -3.72
CA GLU A 141 -15.06 15.21 -4.93
C GLU A 141 -13.91 15.65 -5.84
N VAL A 142 -12.76 14.96 -5.72
CA VAL A 142 -11.61 15.30 -6.52
C VAL A 142 -11.02 14.06 -7.13
N THR A 143 -10.57 14.14 -8.39
CA THR A 143 -9.70 13.09 -8.98
C THR A 143 -8.43 13.79 -9.43
N SER A 144 -7.38 12.99 -9.62
CA SER A 144 -6.08 13.49 -9.87
C SER A 144 -5.15 12.40 -10.32
N ARG A 145 -4.08 12.77 -11.03
CA ARG A 145 -2.97 11.89 -11.28
C ARG A 145 -2.13 11.67 -10.01
N PHE A 146 -2.21 12.56 -9.03
CA PHE A 146 -1.59 12.32 -7.71
C PHE A 146 -2.46 11.44 -6.80
N LYS A 147 -1.83 10.72 -5.88
CA LYS A 147 -2.54 9.88 -4.90
C LYS A 147 -2.99 10.62 -3.64
N LYS A 148 -2.16 11.57 -3.17
CA LYS A 148 -2.38 12.27 -1.91
C LYS A 148 -2.10 13.75 -2.02
N ALA A 149 -2.78 14.48 -1.15
CA ALA A 149 -2.54 15.87 -0.91
C ALA A 149 -2.18 16.05 0.54
N ARG A 150 -1.32 17.02 0.84
CA ARG A 150 -1.05 17.45 2.20
C ARG A 150 -1.72 18.77 2.45
N HIS A 151 -2.48 18.83 3.56
CA HIS A 151 -3.11 20.02 3.99
C HIS A 151 -2.44 20.59 5.26
N ILE A 152 -2.05 21.86 5.20
CA ILE A 152 -1.35 22.52 6.29
C ILE A 152 -2.15 23.72 6.69
N GLU A 153 -2.36 23.90 7.98
CA GLU A 153 -3.07 25.11 8.46
C GLU A 153 -2.36 25.72 9.66
N ASN A 154 -2.41 27.05 9.81
CA ASN A 154 -1.84 27.71 10.97
C ASN A 154 -2.90 27.96 12.02
N ILE A 155 -2.55 27.73 13.27
CA ILE A 155 -3.43 27.97 14.41
C ILE A 155 -2.77 28.93 15.38
N VAL A 156 -3.41 30.09 15.57
CA VAL A 156 -2.87 31.14 16.42
C VAL A 156 -3.21 30.71 17.83
N ILE A 157 -2.19 30.58 18.67
CA ILE A 157 -2.33 29.98 19.97
C ILE A 157 -3.16 30.84 20.93
N GLU A 158 -2.94 32.14 20.91
CA GLU A 158 -3.84 33.05 21.62
C GLU A 158 -5.09 33.28 20.74
N GLY A 159 -6.17 32.58 21.07
CA GLY A 159 -7.45 32.77 20.42
C GLY A 159 -7.90 31.52 19.67
N GLY A 160 -6.95 30.75 19.16
CA GLY A 160 -7.26 29.43 18.55
C GLY A 160 -7.73 29.49 17.11
N GLU A 161 -7.63 30.66 16.49
CA GLU A 161 -8.15 30.85 15.15
C GLU A 161 -7.26 30.18 14.12
N THR A 162 -7.88 29.42 13.20
CA THR A 162 -7.21 28.83 12.05
C THR A 162 -7.11 29.88 10.94
N ILE A 163 -5.93 30.37 10.61
CA ILE A 163 -5.83 31.51 9.67
C ILE A 163 -5.12 31.31 8.35
N GLY A 164 -4.48 30.20 8.08
CA GLY A 164 -3.95 30.11 6.70
C GLY A 164 -3.88 28.68 6.23
N HIS A 165 -4.33 28.42 5.01
CA HIS A 165 -4.43 27.09 4.50
C HIS A 165 -3.50 26.94 3.31
N THR A 166 -2.92 25.75 3.21
CA THR A 166 -2.03 25.38 2.19
C THR A 166 -2.32 23.93 1.77
N LEU A 167 -2.30 23.67 0.46
CA LEU A 167 -2.36 22.34 -0.07
C LEU A 167 -1.19 22.01 -1.01
N TYR A 168 -0.58 20.84 -0.82
CA TYR A 168 0.51 20.38 -1.65
C TYR A 168 0.08 19.09 -2.30
N PHE A 169 0.27 18.97 -3.62
CA PHE A 169 0.09 17.75 -4.37
C PHE A 169 1.41 17.29 -4.96
N GLY A 170 1.82 16.03 -4.66
CA GLY A 170 3.08 15.44 -5.12
C GLY A 170 4.18 15.57 -4.07
N ALA A 171 5.24 14.75 -4.18
CA ALA A 171 6.43 14.88 -3.30
C ALA A 171 7.35 15.99 -3.73
N PRO A 172 8.02 16.66 -2.75
CA PRO A 172 8.90 17.85 -3.06
C PRO A 172 10.13 17.54 -3.93
N SER A 173 10.54 16.28 -3.89
CA SER A 173 11.72 15.79 -4.62
C SER A 173 11.34 15.31 -6.02
N SER A 174 10.06 14.92 -6.21
CA SER A 174 9.57 14.49 -7.52
C SER A 174 9.54 15.65 -8.53
N ASP A 175 9.27 15.32 -9.79
CA ASP A 175 9.55 16.28 -10.88
C ASP A 175 8.35 17.20 -11.19
N ILE A 176 7.21 16.99 -10.53
CA ILE A 176 6.13 17.97 -10.60
C ILE A 176 5.34 18.00 -9.29
N GLN A 177 5.22 19.18 -8.69
CA GLN A 177 4.41 19.36 -7.52
C GLN A 177 3.56 20.59 -7.74
N VAL A 178 2.33 20.56 -7.23
CA VAL A 178 1.42 21.68 -7.28
C VAL A 178 1.09 22.15 -5.86
N ARG A 179 1.06 23.45 -5.66
CA ARG A 179 0.81 24.03 -4.34
C ARG A 179 -0.20 25.15 -4.42
N PHE A 180 -1.11 25.22 -3.45
CA PHE A 180 -2.09 26.26 -3.38
C PHE A 180 -2.00 26.84 -1.98
N TYR A 181 -1.82 28.16 -1.85
CA TYR A 181 -1.88 28.74 -0.54
C TYR A 181 -2.28 30.18 -0.49
N GLU A 182 -2.60 30.60 0.73
CA GLU A 182 -3.03 31.96 0.99
C GLU A 182 -1.79 32.76 1.24
N LYS A 183 -1.37 33.50 0.23
CA LYS A 183 -0.10 34.20 0.26
C LYS A 183 -0.18 35.47 1.10
N ASN A 184 -1.38 36.04 1.23
CA ASN A 184 -1.56 37.19 2.12
C ASN A 184 -1.17 36.81 3.52
N VAL A 185 -1.68 35.67 3.96
CA VAL A 185 -1.35 35.15 5.28
C VAL A 185 0.15 34.85 5.38
N GLN A 186 0.67 34.09 4.42
CA GLN A 186 2.06 33.70 4.41
C GLN A 186 3.03 34.90 4.49
N MET A 187 2.71 36.00 3.82
CA MET A 187 3.62 37.18 3.75
C MET A 187 3.35 38.20 4.84
N GLY A 188 2.37 37.94 5.71
CA GLY A 188 2.02 38.88 6.76
C GLY A 188 1.37 40.18 6.27
N MET A 189 0.82 40.15 5.07
CA MET A 189 0.23 41.32 4.45
C MET A 189 -1.26 41.28 4.62
N ASP A 190 -1.86 42.45 4.78
CA ASP A 190 -3.32 42.50 5.03
C ASP A 190 -4.14 42.96 3.82
N ILE A 191 -4.09 42.21 2.71
CA ILE A 191 -5.06 42.39 1.64
C ILE A 191 -5.99 41.21 1.86
N ASP A 192 -7.28 41.45 1.71
CA ASP A 192 -8.29 40.42 1.96
C ASP A 192 -8.07 39.14 1.13
N VAL A 193 -7.76 39.29 -0.17
CA VAL A 193 -7.62 38.16 -1.07
C VAL A 193 -6.27 38.16 -1.77
N TRP A 194 -5.53 37.08 -1.52
CA TRP A 194 -4.33 36.79 -2.25
C TRP A 194 -4.06 35.31 -2.13
N ASN A 195 -4.57 34.57 -3.10
CA ASN A 195 -4.24 33.18 -3.29
C ASN A 195 -3.15 32.99 -4.29
N ARG A 196 -2.28 32.03 -3.99
CA ARG A 196 -1.26 31.65 -4.89
C ARG A 196 -1.27 30.21 -5.30
N THR A 197 -1.18 29.97 -6.61
CA THR A 197 -1.07 28.63 -7.17
C THR A 197 0.30 28.49 -7.81
N GLU A 198 1.04 27.42 -7.50
CA GLU A 198 2.40 27.25 -7.93
C GLU A 198 2.54 25.85 -8.51
N ILE A 199 3.32 25.75 -9.57
CA ILE A 199 3.73 24.47 -10.09
C ILE A 199 5.22 24.46 -10.11
N GLN A 200 5.77 23.46 -9.48
CA GLN A 200 7.18 23.29 -9.42
C GLN A 200 7.58 22.13 -10.31
N LEU A 201 8.61 22.34 -11.12
CA LEU A 201 9.07 21.39 -12.11
C LEU A 201 10.54 21.22 -11.92
N ARG A 202 10.98 19.99 -12.10
CA ARG A 202 12.40 19.67 -12.01
C ARG A 202 12.88 18.94 -13.27
N ASP A 203 14.15 19.13 -13.55
CA ASP A 203 14.88 18.46 -14.64
C ASP A 203 14.17 18.63 -15.97
N ASP A 204 13.88 17.54 -16.67
CA ASP A 204 13.32 17.59 -18.03
C ASP A 204 12.01 18.34 -18.10
N ARG A 205 11.14 18.13 -17.11
CA ARG A 205 9.90 18.89 -17.01
C ARG A 205 10.19 20.38 -16.97
N ALA A 206 11.24 20.79 -16.27
CA ALA A 206 11.53 22.22 -16.16
C ALA A 206 12.09 22.74 -17.49
N HIS A 207 12.93 21.94 -18.11
CA HIS A 207 13.51 22.34 -19.43
C HIS A 207 12.44 22.58 -20.49
N VAL A 208 11.43 21.71 -20.52
CA VAL A 208 10.38 21.84 -21.51
C VAL A 208 9.68 23.15 -21.34
N VAL A 209 9.35 23.51 -20.09
CA VAL A 209 8.65 24.77 -19.85
C VAL A 209 9.55 25.96 -20.12
N ALA A 210 10.84 25.78 -19.89
CA ALA A 210 11.81 26.88 -20.20
C ALA A 210 11.82 27.18 -21.69
N GLN A 211 11.83 26.11 -22.44
CA GLN A 211 11.85 26.17 -23.90
C GLN A 211 10.58 26.79 -24.42
N ILE A 212 9.47 26.42 -23.82
CA ILE A 212 8.23 27.11 -24.19
C ILE A 212 8.27 28.61 -23.96
N ILE A 213 8.89 29.02 -22.85
CA ILE A 213 8.96 30.46 -22.54
C ILE A 213 9.90 31.14 -23.51
N ALA A 214 11.03 30.50 -23.77
CA ALA A 214 12.01 30.99 -24.75
C ALA A 214 11.42 31.15 -26.17
N ASP A 215 10.62 30.17 -26.63
CA ASP A 215 10.04 30.24 -27.99
C ASP A 215 8.98 31.29 -28.10
N ASP A 216 8.37 31.63 -26.95
CA ASP A 216 7.46 32.77 -26.87
C ASP A 216 6.25 32.66 -27.79
N VAL A 217 5.79 31.45 -28.03
CA VAL A 217 4.64 31.24 -28.90
C VAL A 217 3.39 31.06 -28.06
N LEU A 218 3.36 30.09 -27.16
CA LEU A 218 2.22 29.89 -26.27
C LEU A 218 2.25 30.79 -25.03
N PRO A 219 1.11 31.38 -24.66
CA PRO A 219 1.04 32.06 -23.39
C PRO A 219 1.35 31.10 -22.22
N LEU A 220 2.07 31.60 -21.23
CA LEU A 220 2.46 30.79 -20.10
C LEU A 220 1.19 30.24 -19.41
N GLY A 221 0.17 31.07 -19.36
CA GLY A 221 -1.16 30.70 -18.89
C GLY A 221 -1.64 29.39 -19.41
N GLU A 222 -1.25 29.05 -20.63
CA GLU A 222 -1.80 27.84 -21.27
C GLU A 222 -1.15 26.63 -20.76
N ILE A 223 0.13 26.77 -20.43
CA ILE A 223 0.87 25.68 -19.83
C ILE A 223 0.39 25.43 -18.39
N VAL A 224 0.21 26.49 -17.63
CA VAL A 224 -0.21 26.35 -16.23
C VAL A 224 -1.57 25.74 -16.21
N ALA A 225 -2.48 26.31 -16.96
CA ALA A 225 -3.87 25.81 -16.99
C ALA A 225 -3.96 24.39 -17.54
N GLY A 226 -3.13 24.06 -18.52
CA GLY A 226 -3.16 22.72 -19.07
C GLY A 226 -2.70 21.72 -18.05
N LEU A 227 -1.62 22.06 -17.35
CA LEU A 227 -1.08 21.14 -16.35
C LEU A 227 -2.07 20.97 -15.18
N LEU A 228 -2.63 22.07 -14.70
CA LEU A 228 -3.61 21.95 -13.60
C LEU A 228 -4.79 21.07 -13.97
N ARG A 229 -5.39 21.36 -15.12
CA ARG A 229 -6.53 20.62 -15.68
C ARG A 229 -6.22 19.14 -15.75
N ASN A 230 -5.07 18.82 -16.32
CA ASN A 230 -4.70 17.45 -16.51
C ASN A 230 -4.38 16.74 -15.19
N TYR A 231 -3.72 17.42 -14.26
CA TYR A 231 -3.26 16.76 -13.03
C TYR A 231 -4.33 16.72 -11.94
N ILE A 232 -5.22 17.73 -11.91
CA ILE A 232 -6.20 17.80 -10.83
C ILE A 232 -7.56 18.24 -11.29
N GLN A 233 -8.60 17.50 -10.85
CA GLN A 233 -9.98 17.79 -11.22
C GLN A 233 -10.86 17.92 -10.01
N PHE A 234 -11.21 19.15 -9.68
CA PHE A 234 -12.23 19.43 -8.71
C PHE A 234 -13.59 19.27 -9.35
N ARG A 235 -14.39 18.33 -8.83
CA ARG A 235 -15.66 17.98 -9.46
C ARG A 235 -16.88 18.30 -8.63
N THR A 236 -18.03 18.35 -9.29
CA THR A 236 -19.31 18.54 -8.61
C THR A 236 -20.05 17.20 -8.51
N ARG A 237 -20.31 16.81 -7.29
CA ARG A 237 -21.03 15.58 -6.99
C ARG A 237 -22.38 15.58 -7.75
N LYS A 238 -22.65 14.52 -8.48
CA LYS A 238 -23.99 14.36 -9.13
C LYS A 238 -24.73 13.20 -8.49
N ALA A 239 -25.96 13.47 -8.04
CA ALA A 239 -26.79 12.45 -7.39
C ALA A 239 -27.00 11.17 -8.22
N THR A 240 -27.20 11.31 -9.53
CA THR A 240 -27.40 10.14 -10.45
C THR A 240 -26.28 9.07 -10.46
N ASP A 241 -25.03 9.52 -10.45
CA ASP A 241 -23.85 8.70 -10.77
C ASP A 241 -22.92 8.37 -9.60
N LYS A 242 -22.52 7.10 -9.52
CA LYS A 242 -21.61 6.64 -8.45
C LYS A 242 -20.16 6.79 -8.89
N ASN A 243 -19.95 6.95 -10.19
CA ASN A 243 -18.62 7.05 -10.76
C ASN A 243 -18.11 8.49 -10.88
N LYS A 244 -17.16 8.81 -9.99
CA LYS A 244 -16.58 10.15 -9.89
C LYS A 244 -16.08 10.66 -11.24
N LYS A 245 -15.50 9.76 -12.03
CA LYS A 245 -14.97 10.11 -13.34
C LYS A 245 -15.95 10.72 -14.34
N ARG A 246 -17.24 10.67 -14.06
CA ARG A 246 -18.22 11.27 -14.94
C ARG A 246 -18.98 12.40 -14.26
N TRP A 247 -18.52 12.86 -13.11
CA TRP A 247 -19.04 14.11 -12.60
C TRP A 247 -18.42 15.24 -13.44
N PRO A 248 -19.18 16.32 -13.70
CA PRO A 248 -18.61 17.47 -14.36
C PRO A 248 -17.60 18.20 -13.44
N LEU A 249 -16.60 18.83 -14.04
CA LEU A 249 -15.70 19.71 -13.32
C LEU A 249 -16.50 20.83 -12.66
N ALA A 250 -16.13 21.20 -11.46
CA ALA A 250 -16.80 22.28 -10.77
C ALA A 250 -16.67 23.60 -11.51
N ARG A 251 -17.65 24.46 -11.34
CA ARG A 251 -17.68 25.75 -12.02
C ARG A 251 -16.56 26.69 -11.68
N PHE A 252 -16.34 26.92 -10.38
CA PHE A 252 -15.26 27.82 -9.94
C PHE A 252 -13.92 27.41 -10.58
N TRP A 253 -13.71 26.11 -10.71
CA TRP A 253 -12.50 25.54 -11.26
C TRP A 253 -12.43 25.78 -12.76
N LEU A 254 -13.53 25.51 -13.49
CA LEU A 254 -13.59 25.82 -14.95
C LEU A 254 -13.39 27.32 -15.21
N ASN A 255 -13.97 28.16 -14.37
CA ASN A 255 -13.75 29.59 -14.49
C ASN A 255 -12.33 29.98 -14.24
N PHE A 256 -11.72 29.39 -13.21
CA PHE A 256 -10.32 29.70 -12.88
C PHE A 256 -9.41 29.33 -14.04
N LEU A 257 -9.52 28.08 -14.49
CA LEU A 257 -8.67 27.56 -15.55
C LEU A 257 -8.83 28.34 -16.86
N GLY A 258 -10.08 28.71 -17.16
CA GLY A 258 -10.39 29.48 -18.38
C GLY A 258 -9.80 30.88 -18.33
N ASP A 259 -9.83 31.53 -17.17
CA ASP A 259 -9.24 32.87 -17.06
C ASP A 259 -7.71 32.83 -16.95
N VAL A 260 -7.16 31.66 -16.58
CA VAL A 260 -5.70 31.49 -16.49
C VAL A 260 -5.10 31.32 -17.89
N GLN A 261 -5.77 30.55 -18.74
CA GLN A 261 -5.31 30.24 -20.11
C GLN A 261 -4.62 31.33 -20.94
N PRO A 262 -5.22 32.52 -21.02
CA PRO A 262 -4.63 33.56 -21.88
C PRO A 262 -3.50 34.34 -21.25
N LEU A 263 -3.20 34.12 -19.97
CA LEU A 263 -2.22 34.94 -19.26
C LEU A 263 -0.78 34.80 -19.80
N ARG A 264 -0.09 35.92 -19.84
CA ARG A 264 1.22 36.02 -20.46
C ARG A 264 2.19 36.61 -19.49
N ILE A 265 3.44 36.17 -19.57
CA ILE A 265 4.50 36.89 -18.89
C ILE A 265 4.78 38.20 -19.66
N ALA A 266 4.62 39.34 -19.00
CA ALA A 266 4.96 40.63 -19.63
C ALA A 266 6.44 40.73 -20.11
N LYS A 267 6.64 41.45 -21.22
CA LYS A 267 7.97 41.77 -21.78
C LYS A 267 8.65 42.85 -20.98
N GLN A 268 7.87 43.72 -20.38
CA GLN A 268 8.40 44.77 -19.54
C GLN A 268 8.27 44.28 -18.10
N MET A 269 9.34 44.45 -17.33
CA MET A 269 9.60 43.56 -16.18
C MET A 269 8.74 43.66 -14.86
N HIS B 2 5.07 3.12 -17.29
CA HIS B 2 4.44 3.17 -18.65
C HIS B 2 4.68 1.86 -19.43
N MET B 3 3.63 1.07 -19.61
CA MET B 3 3.66 -0.29 -20.16
C MET B 3 2.80 -0.28 -21.43
N SER B 4 3.08 -1.14 -22.39
CA SER B 4 2.21 -1.20 -23.56
C SER B 4 2.21 -2.58 -24.20
N GLY B 5 1.25 -2.77 -25.09
CA GLY B 5 1.11 -4.01 -25.86
C GLY B 5 0.49 -5.19 -25.10
N LEU B 6 0.78 -6.36 -25.66
CA LEU B 6 0.41 -7.63 -25.17
C LEU B 6 1.68 -8.35 -24.76
N LYS B 7 1.69 -9.04 -23.62
CA LYS B 7 2.83 -9.87 -23.23
C LYS B 7 2.35 -11.22 -22.67
N PRO B 8 2.91 -12.34 -23.19
CA PRO B 8 2.54 -13.62 -22.70
C PRO B 8 3.41 -13.99 -21.53
N CYS B 9 3.00 -14.97 -20.75
CA CYS B 9 3.90 -15.62 -19.80
C CYS B 9 3.33 -16.95 -19.28
N VAL B 10 4.23 -17.74 -18.70
CA VAL B 10 3.87 -18.91 -17.95
C VAL B 10 3.59 -18.37 -16.56
N ASP B 11 2.48 -18.77 -15.97
CA ASP B 11 2.00 -18.12 -14.75
C ASP B 11 1.61 -19.09 -13.62
N TRP B 12 1.84 -20.37 -13.81
CA TRP B 12 1.70 -21.32 -12.71
C TRP B 12 2.24 -22.62 -13.22
N LEU B 13 2.89 -23.32 -12.35
CA LEU B 13 3.35 -24.62 -12.70
C LEU B 13 3.38 -25.53 -11.48
N GLN B 14 2.83 -26.72 -11.64
CA GLN B 14 2.90 -27.73 -10.61
C GLN B 14 3.25 -29.03 -11.30
N VAL B 15 4.27 -29.71 -10.77
CA VAL B 15 4.70 -30.99 -11.30
C VAL B 15 5.08 -31.92 -10.17
N THR B 16 4.94 -33.21 -10.41
CA THR B 16 5.33 -34.22 -9.45
C THR B 16 6.32 -35.20 -10.08
N PHE B 17 7.47 -35.35 -9.44
CA PHE B 17 8.46 -36.33 -9.84
C PHE B 17 8.10 -37.66 -9.22
N LYS B 18 7.78 -38.63 -10.06
CA LYS B 18 7.34 -39.93 -9.59
C LYS B 18 8.55 -40.77 -9.26
N THR B 19 8.36 -41.69 -8.32
CA THR B 19 9.42 -42.56 -7.83
C THR B 19 9.08 -43.97 -8.25
N GLY B 20 10.13 -44.76 -8.51
CA GLY B 20 10.00 -46.20 -8.69
C GLY B 20 9.10 -46.66 -9.84
N GLN B 21 9.03 -45.87 -10.90
CA GLN B 21 8.38 -46.30 -12.12
C GLN B 21 9.40 -47.09 -12.93
N ASP B 22 8.94 -48.15 -13.57
CA ASP B 22 9.75 -48.79 -14.59
C ASP B 22 9.56 -47.97 -15.88
N SER B 23 10.39 -46.93 -16.04
CA SER B 23 10.26 -45.95 -17.14
C SER B 23 11.52 -45.81 -18.02
N VAL B 24 11.31 -45.42 -19.27
CA VAL B 24 12.44 -45.09 -20.16
C VAL B 24 13.15 -43.80 -19.76
N LYS B 25 12.41 -42.91 -19.09
CA LYS B 25 12.94 -41.64 -18.58
C LYS B 25 13.44 -41.82 -17.14
N LYS B 26 14.30 -40.92 -16.73
CA LYS B 26 14.94 -41.02 -15.44
C LYS B 26 13.99 -40.60 -14.28
N CYS B 27 13.91 -41.46 -13.28
CA CYS B 27 13.19 -41.15 -12.05
C CYS B 27 14.08 -40.30 -11.18
N VAL B 28 13.51 -39.26 -10.57
CA VAL B 28 14.27 -38.41 -9.67
C VAL B 28 13.86 -38.82 -8.29
N GLU B 29 14.84 -38.94 -7.40
CA GLU B 29 14.58 -39.35 -6.02
C GLU B 29 15.15 -38.44 -4.94
N LYS B 30 15.96 -37.45 -5.33
CA LYS B 30 16.58 -36.56 -4.36
C LYS B 30 16.24 -35.09 -4.60
N LEU B 31 16.04 -34.37 -3.50
CA LEU B 31 15.79 -32.94 -3.57
C LEU B 31 16.86 -32.19 -4.33
N GLU B 32 18.11 -32.57 -4.12
CA GLU B 32 19.24 -31.91 -4.76
C GLU B 32 19.13 -31.97 -6.28
N LYS B 33 18.70 -33.12 -6.77
CA LYS B 33 18.51 -33.31 -8.19
C LYS B 33 17.38 -32.38 -8.70
N VAL B 34 16.30 -32.29 -7.93
CA VAL B 34 15.23 -31.38 -8.27
C VAL B 34 15.75 -29.96 -8.40
N PHE B 35 16.53 -29.49 -7.43
CA PHE B 35 17.11 -28.14 -7.52
C PHE B 35 17.92 -27.94 -8.78
N GLU B 36 18.63 -28.99 -9.17
CA GLU B 36 19.49 -28.93 -10.35
C GLU B 36 18.63 -28.89 -11.63
N ILE B 37 17.57 -29.69 -11.67
CA ILE B 37 16.64 -29.68 -12.81
C ILE B 37 16.05 -28.29 -13.02
N LEU B 38 15.78 -27.59 -11.95
CA LEU B 38 15.29 -26.22 -12.03
C LEU B 38 16.36 -25.19 -12.32
N GLY B 39 17.63 -25.59 -12.30
CA GLY B 39 18.75 -24.65 -12.53
C GLY B 39 18.85 -23.63 -11.41
N LEU B 40 18.53 -24.07 -10.18
CA LEU B 40 18.53 -23.20 -9.03
C LEU B 40 19.50 -23.72 -7.97
N ASN B 41 20.13 -22.75 -7.31
CA ASN B 41 21.18 -23.01 -6.34
C ASN B 41 20.64 -23.67 -5.07
N GLU B 42 21.10 -24.89 -4.81
CA GLU B 42 20.74 -25.67 -3.61
C GLU B 42 20.83 -24.91 -2.30
N ALA B 43 21.94 -24.17 -2.16
CA ALA B 43 22.16 -23.39 -0.94
C ALA B 43 21.03 -22.39 -0.69
N GLU B 44 20.29 -22.01 -1.71
CA GLU B 44 19.29 -20.98 -1.52
C GLU B 44 17.92 -21.47 -1.02
N PHE B 45 17.76 -22.79 -0.88
CA PHE B 45 16.50 -23.37 -0.42
C PHE B 45 16.46 -23.51 1.10
N LEU B 46 15.40 -23.05 1.73
CA LEU B 46 15.26 -23.14 3.18
C LEU B 46 14.01 -23.91 3.55
N PRO B 47 13.99 -24.55 4.73
CA PRO B 47 12.82 -25.29 5.18
C PRO B 47 11.58 -24.41 5.36
N LEU B 48 10.39 -24.95 5.10
CA LEU B 48 9.12 -24.27 5.39
C LEU B 48 8.52 -24.76 6.72
N LYS B 49 7.68 -23.93 7.34
CA LYS B 49 7.02 -24.30 8.60
C LYS B 49 6.27 -25.59 8.36
N ASN B 50 5.43 -25.58 7.31
CA ASN B 50 4.53 -26.70 7.03
C ASN B 50 4.67 -27.30 5.67
N GLY B 51 4.27 -28.56 5.58
CA GLY B 51 4.08 -29.24 4.32
C GLY B 51 2.76 -28.77 3.73
N LYS B 52 2.22 -29.54 2.81
CA LYS B 52 1.06 -29.16 2.02
C LYS B 52 0.65 -30.37 1.20
N TYR B 53 -0.63 -30.47 0.87
CA TYR B 53 -1.14 -31.55 0.04
C TYR B 53 -0.79 -32.96 0.45
N GLY B 54 -0.66 -33.26 1.72
CA GLY B 54 -0.29 -34.66 1.95
C GLY B 54 1.20 -34.94 1.99
N TYR B 55 2.02 -33.93 1.69
CA TYR B 55 3.45 -33.97 1.98
C TYR B 55 3.76 -33.35 3.35
N LYS B 56 4.54 -34.06 4.15
CA LYS B 56 4.80 -33.68 5.53
C LYS B 56 5.77 -32.51 5.63
N GLN B 57 6.65 -32.38 4.64
CA GLN B 57 7.69 -31.36 4.71
C GLN B 57 7.84 -30.64 3.41
N GLY B 58 8.46 -29.48 3.48
CA GLY B 58 8.75 -28.71 2.30
C GLY B 58 9.91 -27.78 2.47
N VAL B 59 10.54 -27.45 1.35
CA VAL B 59 11.52 -26.37 1.29
C VAL B 59 11.06 -25.33 0.28
N ALA B 60 11.66 -24.17 0.33
CA ALA B 60 11.32 -23.12 -0.60
C ALA B 60 12.53 -22.24 -0.94
N PHE B 61 12.51 -21.71 -2.14
CA PHE B 61 13.59 -20.85 -2.64
C PHE B 61 13.61 -19.56 -1.84
N GLN B 62 14.76 -19.30 -1.22
CA GLN B 62 14.91 -18.18 -0.28
C GLN B 62 13.82 -18.16 0.78
N GLY B 63 13.33 -19.33 1.20
CA GLY B 63 12.27 -19.40 2.21
C GLY B 63 10.90 -18.99 1.72
N ASN B 64 10.77 -18.69 0.44
CA ASN B 64 9.54 -18.06 -0.06
C ASN B 64 8.61 -19.12 -0.70
N PRO B 65 7.43 -19.33 -0.10
CA PRO B 65 6.54 -20.42 -0.51
C PRO B 65 5.91 -20.31 -1.91
N VAL B 66 6.09 -19.18 -2.58
CA VAL B 66 5.71 -19.08 -3.98
C VAL B 66 6.53 -20.01 -4.93
N LEU B 67 7.61 -20.59 -4.43
CA LEU B 67 8.42 -21.49 -5.20
C LEU B 67 8.86 -22.56 -4.25
N ALA B 68 8.06 -23.61 -4.19
CA ALA B 68 8.17 -24.59 -3.14
C ALA B 68 8.38 -25.98 -3.68
N VAL B 69 9.02 -26.81 -2.88
CA VAL B 69 9.23 -28.18 -3.20
C VAL B 69 8.80 -28.95 -1.99
N TYR B 70 7.82 -29.80 -2.18
CA TYR B 70 7.27 -30.61 -1.11
C TYR B 70 7.69 -32.05 -1.22
N TYR B 71 7.88 -32.68 -0.07
CA TYR B 71 8.31 -34.07 -0.05
C TYR B 71 7.91 -34.76 1.26
N ASP B 72 8.26 -36.03 1.37
CA ASP B 72 7.96 -36.84 2.54
C ASP B 72 6.45 -37.03 2.64
N GLY B 73 5.88 -37.48 1.53
CA GLY B 73 4.49 -37.84 1.48
C GLY B 73 4.39 -39.35 1.57
N ALA B 74 3.20 -39.88 1.31
CA ALA B 74 3.00 -41.32 1.41
C ALA B 74 3.79 -42.00 0.28
N ASP B 75 3.86 -43.32 0.36
CA ASP B 75 4.59 -44.11 -0.62
C ASP B 75 4.10 -43.72 -2.01
N ASP B 76 5.06 -43.53 -2.92
CA ASP B 76 4.73 -43.27 -4.30
C ASP B 76 4.23 -41.85 -4.59
N MET B 77 4.38 -40.91 -3.66
CA MET B 77 3.95 -39.55 -3.94
C MET B 77 5.03 -38.65 -4.47
N GLY B 78 6.27 -39.11 -4.34
CA GLY B 78 7.38 -38.50 -5.00
C GLY B 78 7.71 -37.15 -4.41
N ILE B 79 8.09 -36.23 -5.29
CA ILE B 79 8.43 -34.88 -4.90
C ILE B 79 7.60 -33.92 -5.74
N HIS B 80 6.98 -32.93 -5.10
CA HIS B 80 6.07 -32.03 -5.77
C HIS B 80 6.59 -30.62 -5.76
N VAL B 81 6.67 -30.02 -6.94
CA VAL B 81 7.07 -28.64 -7.07
C VAL B 81 5.86 -27.79 -7.40
N GLU B 82 5.75 -26.67 -6.71
CA GLU B 82 4.73 -25.72 -6.96
C GLU B 82 5.32 -24.34 -7.13
N MET B 83 4.96 -23.72 -8.24
CA MET B 83 5.48 -22.44 -8.61
C MET B 83 4.24 -21.59 -8.96
N THR B 84 3.92 -20.65 -8.09
CA THR B 84 2.77 -19.76 -8.32
C THR B 84 3.19 -18.66 -9.30
N GLY B 85 2.29 -17.69 -9.53
CA GLY B 85 2.57 -16.62 -10.48
C GLY B 85 3.88 -15.96 -10.08
N GLN B 86 3.91 -15.51 -8.86
CA GLN B 86 5.08 -14.83 -8.34
C GLN B 86 6.27 -15.73 -8.32
N GLY B 87 6.03 -17.02 -8.10
CA GLY B 87 7.12 -17.99 -8.15
C GLY B 87 7.71 -18.18 -9.54
N CYS B 88 6.88 -18.00 -10.59
CA CYS B 88 7.39 -18.11 -11.95
C CYS B 88 8.31 -16.92 -12.22
N ARG B 89 7.95 -15.74 -11.71
CA ARG B 89 8.86 -14.55 -11.84
C ARG B 89 10.17 -14.72 -11.06
N LEU B 90 10.04 -15.30 -9.88
CA LEU B 90 11.19 -15.55 -9.06
C LEU B 90 12.10 -16.57 -9.71
N PHE B 91 11.51 -17.61 -10.28
CA PHE B 91 12.27 -18.59 -11.06
C PHE B 91 13.05 -17.92 -12.19
N GLU B 92 12.37 -17.07 -12.95
CA GLU B 92 13.00 -16.41 -14.07
C GLU B 92 14.23 -15.58 -13.65
N LEU B 93 14.15 -14.89 -12.52
CA LEU B 93 15.23 -14.05 -12.07
C LEU B 93 16.49 -14.80 -11.69
N HIS B 94 16.39 -16.05 -11.26
CA HIS B 94 17.51 -16.71 -10.60
C HIS B 94 17.96 -17.95 -11.28
N THR B 95 17.15 -18.49 -12.19
CA THR B 95 17.50 -19.77 -12.77
C THR B 95 18.65 -19.57 -13.72
N SER B 96 19.40 -20.65 -13.91
CA SER B 96 20.48 -20.68 -14.87
C SER B 96 20.05 -21.30 -16.20
N ILE B 97 18.78 -21.72 -16.30
CA ILE B 97 18.27 -22.23 -17.56
C ILE B 97 17.15 -21.33 -18.03
N ASN B 98 16.28 -21.87 -18.88
CA ASN B 98 15.12 -21.12 -19.34
C ASN B 98 13.87 -22.02 -19.42
N TRP B 99 12.74 -21.39 -19.73
CA TRP B 99 11.47 -22.10 -19.81
C TRP B 99 11.53 -23.28 -20.78
N TYR B 100 12.08 -23.06 -21.97
CA TYR B 100 12.18 -24.11 -23.00
C TYR B 100 12.91 -25.30 -22.40
N GLU B 101 14.03 -25.01 -21.74
CA GLU B 101 14.89 -26.11 -21.22
C GLU B 101 14.22 -26.83 -20.06
N LEU B 102 13.59 -26.07 -19.18
CA LEU B 102 12.83 -26.70 -18.08
C LEU B 102 11.77 -27.65 -18.64
N PHE B 103 10.98 -27.18 -19.59
CA PHE B 103 9.93 -28.07 -20.15
C PHE B 103 10.51 -29.24 -20.95
N TYR B 104 11.66 -29.01 -21.63
CA TYR B 104 12.37 -30.12 -22.28
C TYR B 104 12.66 -31.20 -21.30
N ARG B 105 13.22 -30.79 -20.18
CA ARG B 105 13.60 -31.76 -19.15
C ARG B 105 12.40 -32.47 -18.60
N LEU B 106 11.32 -31.72 -18.38
CA LEU B 106 10.16 -32.28 -17.73
C LEU B 106 9.42 -33.22 -18.67
N VAL B 107 9.35 -32.85 -19.96
CA VAL B 107 8.61 -33.64 -20.90
C VAL B 107 9.44 -34.86 -21.38
N TYR B 108 10.73 -34.69 -21.69
CA TYR B 108 11.53 -35.74 -22.38
C TYR B 108 12.61 -36.40 -21.53
N GLU B 109 13.19 -35.71 -20.55
CA GLU B 109 14.30 -36.29 -19.80
C GLU B 109 13.86 -37.03 -18.55
N TYR B 110 12.91 -36.49 -17.80
CA TYR B 110 12.52 -37.14 -16.55
C TYR B 110 11.08 -37.60 -16.50
N GLU B 111 10.80 -38.47 -15.55
CA GLU B 111 9.48 -39.06 -15.35
C GLU B 111 8.67 -38.21 -14.37
N VAL B 112 7.76 -37.39 -14.91
CA VAL B 112 7.05 -36.41 -14.12
C VAL B 112 5.59 -36.35 -14.51
N ASN B 113 4.72 -36.02 -13.56
CA ASN B 113 3.37 -35.64 -13.91
C ASN B 113 3.28 -34.15 -13.80
N ILE B 114 2.90 -33.53 -14.89
CA ILE B 114 2.61 -32.14 -14.87
C ILE B 114 1.15 -32.02 -14.53
N THR B 115 0.84 -31.56 -13.32
CA THR B 115 -0.53 -31.50 -12.87
C THR B 115 -1.22 -30.19 -13.19
N ARG B 116 -0.48 -29.09 -13.27
CA ARG B 116 -1.09 -27.82 -13.61
C ARG B 116 -0.12 -26.91 -14.31
N LEU B 117 -0.62 -26.20 -15.32
CA LEU B 117 0.18 -25.17 -16.03
C LEU B 117 -0.77 -24.07 -16.45
N ASP B 118 -0.47 -22.83 -16.05
CA ASP B 118 -1.29 -21.67 -16.47
C ASP B 118 -0.46 -20.85 -17.45
N VAL B 119 -1.10 -20.40 -18.52
CA VAL B 119 -0.48 -19.47 -19.44
C VAL B 119 -1.38 -18.22 -19.44
N ALA B 120 -0.73 -17.06 -19.53
CA ALA B 120 -1.40 -15.78 -19.45
C ALA B 120 -0.94 -14.78 -20.52
N VAL B 121 -1.84 -13.85 -20.83
CA VAL B 121 -1.58 -12.71 -21.60
C VAL B 121 -1.94 -11.43 -20.81
N ASP B 122 -0.98 -10.52 -20.65
CA ASP B 122 -1.24 -9.18 -20.16
C ASP B 122 -1.53 -8.22 -21.32
N ASP B 123 -2.58 -7.43 -21.16
CA ASP B 123 -3.03 -6.49 -22.15
C ASP B 123 -2.96 -5.09 -21.55
N PHE B 124 -1.96 -4.31 -22.01
CA PHE B 124 -1.77 -2.94 -21.56
C PHE B 124 -2.32 -1.91 -22.51
N LYS B 125 -2.81 -2.36 -23.67
CA LYS B 125 -3.41 -1.46 -24.64
C LYS B 125 -4.88 -1.29 -24.39
N GLY B 126 -5.58 -2.40 -24.19
CA GLY B 126 -7.00 -2.37 -23.82
C GLY B 126 -7.87 -2.74 -24.98
N TYR B 127 -7.83 -4.00 -25.36
CA TYR B 127 -8.52 -4.42 -26.58
C TYR B 127 -10.00 -4.56 -26.29
N PHE B 128 -10.37 -4.61 -25.02
CA PHE B 128 -11.77 -4.66 -24.63
C PHE B 128 -11.87 -4.41 -23.15
N LYS B 129 -13.09 -4.16 -22.69
CA LYS B 129 -13.35 -4.01 -21.27
C LYS B 129 -14.07 -5.28 -20.87
N ILE B 130 -13.74 -5.77 -19.68
CA ILE B 130 -14.34 -7.00 -19.23
C ILE B 130 -15.87 -6.86 -19.20
N ASN B 131 -16.34 -5.69 -18.83
CA ASN B 131 -17.78 -5.47 -18.73
C ASN B 131 -18.49 -5.60 -20.07
N THR B 132 -17.80 -5.27 -21.15
CA THR B 132 -18.31 -5.56 -22.49
C THR B 132 -18.52 -7.04 -22.71
N LEU B 133 -17.59 -7.86 -22.22
CA LEU B 133 -17.73 -9.31 -22.38
C LEU B 133 -18.92 -9.82 -21.63
N VAL B 134 -19.11 -9.28 -20.42
CA VAL B 134 -20.24 -9.65 -19.56
C VAL B 134 -21.54 -9.33 -20.28
N LYS B 135 -21.58 -8.15 -20.87
CA LYS B 135 -22.79 -7.67 -21.53
C LYS B 135 -23.12 -8.52 -22.76
N LYS B 136 -22.10 -8.85 -23.54
CA LYS B 136 -22.29 -9.72 -24.68
C LYS B 136 -22.83 -11.07 -24.30
N LEU B 137 -22.36 -11.61 -23.18
CA LEU B 137 -22.88 -12.89 -22.70
C LEU B 137 -24.34 -12.83 -22.37
N LYS B 138 -24.73 -11.78 -21.69
CA LYS B 138 -26.10 -11.67 -21.22
C LYS B 138 -27.03 -11.33 -22.38
N ASP B 139 -26.51 -10.59 -23.37
CA ASP B 139 -27.29 -10.29 -24.60
C ASP B 139 -27.36 -11.45 -25.59
N ASP B 140 -26.95 -12.64 -25.17
CA ASP B 140 -26.99 -13.80 -26.04
C ASP B 140 -26.16 -13.67 -27.32
N GLU B 141 -24.99 -13.03 -27.23
CA GLU B 141 -24.10 -12.79 -28.36
C GLU B 141 -22.79 -13.61 -28.31
N VAL B 142 -22.80 -14.72 -27.56
CA VAL B 142 -21.60 -15.53 -27.37
C VAL B 142 -21.91 -16.97 -27.61
N THR B 143 -21.03 -17.70 -28.30
CA THR B 143 -21.11 -19.14 -28.32
C THR B 143 -19.77 -19.64 -27.77
N SER B 144 -19.80 -20.87 -27.30
CA SER B 144 -18.68 -21.45 -26.62
C SER B 144 -18.86 -22.98 -26.53
N ARG B 145 -17.74 -23.69 -26.35
CA ARG B 145 -17.76 -25.08 -25.87
C ARG B 145 -18.10 -25.23 -24.41
N PHE B 146 -17.97 -24.17 -23.61
CA PHE B 146 -18.46 -24.19 -22.25
C PHE B 146 -19.98 -23.94 -22.27
N LYS B 147 -20.65 -24.44 -21.26
CA LYS B 147 -22.06 -24.19 -21.01
C LYS B 147 -22.38 -22.93 -20.26
N LYS B 148 -21.53 -22.58 -19.29
CA LYS B 148 -21.75 -21.44 -18.41
C LYS B 148 -20.49 -20.65 -18.19
N ALA B 149 -20.67 -19.39 -17.88
CA ALA B 149 -19.63 -18.55 -17.35
C ALA B 149 -20.03 -18.09 -15.93
N ARG B 150 -19.05 -17.79 -15.09
CA ARG B 150 -19.28 -17.14 -13.84
C ARG B 150 -18.80 -15.71 -13.88
N HIS B 151 -19.67 -14.78 -13.51
CA HIS B 151 -19.32 -13.40 -13.42
C HIS B 151 -19.20 -13.00 -11.92
N ILE B 152 -18.07 -12.44 -11.56
CA ILE B 152 -17.76 -12.11 -10.20
C ILE B 152 -17.51 -10.63 -10.17
N GLU B 153 -18.12 -9.96 -9.23
CA GLU B 153 -17.92 -8.54 -9.09
C GLU B 153 -17.85 -8.22 -7.60
N ASN B 154 -17.06 -7.23 -7.23
CA ASN B 154 -17.03 -6.74 -5.86
C ASN B 154 -17.90 -5.52 -5.69
N ILE B 155 -18.59 -5.44 -4.54
CA ILE B 155 -19.47 -4.37 -4.24
C ILE B 155 -19.06 -3.71 -2.91
N VAL B 156 -18.78 -2.41 -2.95
CA VAL B 156 -18.37 -1.64 -1.80
C VAL B 156 -19.65 -1.27 -1.08
N ILE B 157 -19.76 -1.67 0.17
CA ILE B 157 -21.03 -1.57 0.91
C ILE B 157 -21.43 -0.12 1.20
N GLU B 158 -20.45 0.71 1.63
CA GLU B 158 -20.68 2.16 1.70
C GLU B 158 -20.58 2.81 0.31
N GLY B 159 -21.73 3.04 -0.31
CA GLY B 159 -21.80 3.67 -1.63
C GLY B 159 -22.39 2.78 -2.71
N GLY B 160 -22.11 1.47 -2.65
CA GLY B 160 -22.70 0.53 -3.56
C GLY B 160 -22.00 0.38 -4.90
N GLU B 161 -20.78 0.88 -5.01
CA GLU B 161 -20.04 0.80 -6.25
C GLU B 161 -19.58 -0.63 -6.53
N THR B 162 -19.82 -1.09 -7.74
CA THR B 162 -19.29 -2.33 -8.30
C THR B 162 -17.90 -2.14 -8.91
N ILE B 163 -16.89 -2.78 -8.35
CA ILE B 163 -15.55 -2.76 -8.92
C ILE B 163 -15.03 -4.20 -9.20
N GLY B 164 -13.95 -4.33 -9.94
CA GLY B 164 -13.30 -5.63 -10.14
C GLY B 164 -14.05 -6.77 -10.86
N HIS B 165 -14.60 -6.48 -12.03
CA HIS B 165 -15.19 -7.52 -12.85
C HIS B 165 -14.23 -8.63 -13.32
N THR B 166 -14.73 -9.87 -13.19
CA THR B 166 -14.01 -11.06 -13.48
C THR B 166 -14.94 -12.03 -14.15
N LEU B 167 -14.47 -12.69 -15.19
CA LEU B 167 -15.24 -13.78 -15.83
C LEU B 167 -14.48 -15.07 -15.83
N TYR B 168 -15.11 -16.16 -15.42
CA TYR B 168 -14.48 -17.47 -15.42
C TYR B 168 -15.30 -18.34 -16.34
N PHE B 169 -14.63 -19.07 -17.23
CA PHE B 169 -15.27 -20.09 -18.08
C PHE B 169 -14.69 -21.45 -17.72
N GLY B 170 -15.57 -22.41 -17.35
CA GLY B 170 -15.20 -23.77 -16.92
C GLY B 170 -15.09 -23.90 -15.41
N ALA B 171 -15.21 -25.11 -14.89
CA ALA B 171 -15.05 -25.38 -13.44
C ALA B 171 -13.59 -25.43 -13.04
N PRO B 172 -13.27 -25.03 -11.77
CA PRO B 172 -11.83 -24.88 -11.33
C PRO B 172 -11.08 -26.20 -11.20
N SER B 173 -11.85 -27.28 -11.06
CA SER B 173 -11.32 -28.63 -10.96
C SER B 173 -11.15 -29.28 -12.37
N SER B 174 -11.98 -28.86 -13.35
CA SER B 174 -11.88 -29.36 -14.72
C SER B 174 -10.50 -28.94 -15.39
N ASP B 175 -10.23 -29.52 -16.54
CA ASP B 175 -8.89 -29.55 -17.03
C ASP B 175 -8.55 -28.36 -17.98
N ILE B 176 -9.53 -27.54 -18.31
CA ILE B 176 -9.29 -26.25 -18.88
C ILE B 176 -10.24 -25.18 -18.36
N GLN B 177 -9.71 -24.07 -17.85
CA GLN B 177 -10.52 -22.94 -17.42
C GLN B 177 -9.90 -21.67 -18.02
N VAL B 178 -10.74 -20.74 -18.42
CA VAL B 178 -10.33 -19.48 -18.89
C VAL B 178 -10.83 -18.37 -17.97
N ARG B 179 -9.99 -17.37 -17.71
CA ARG B 179 -10.34 -16.27 -16.86
C ARG B 179 -9.96 -14.96 -17.50
N PHE B 180 -10.81 -13.96 -17.33
CA PHE B 180 -10.55 -12.62 -17.77
C PHE B 180 -10.77 -11.72 -16.58
N TYR B 181 -9.80 -10.88 -16.25
CA TYR B 181 -10.06 -9.85 -15.23
C TYR B 181 -9.20 -8.62 -15.36
N GLU B 182 -9.61 -7.59 -14.62
CA GLU B 182 -8.89 -6.32 -14.58
C GLU B 182 -7.82 -6.46 -13.53
N LYS B 183 -6.57 -6.66 -13.95
CA LYS B 183 -5.46 -6.96 -13.05
C LYS B 183 -4.91 -5.72 -12.37
N ASN B 184 -5.09 -4.56 -13.00
CA ASN B 184 -4.78 -3.29 -12.31
C ASN B 184 -5.60 -3.15 -11.03
N VAL B 185 -6.91 -3.39 -11.15
CA VAL B 185 -7.82 -3.36 -9.99
C VAL B 185 -7.45 -4.43 -8.98
N GLN B 186 -7.29 -5.67 -9.43
CA GLN B 186 -6.93 -6.77 -8.56
C GLN B 186 -5.64 -6.52 -7.74
N MET B 187 -4.63 -5.92 -8.37
CA MET B 187 -3.31 -5.74 -7.73
C MET B 187 -3.20 -4.41 -6.99
N GLY B 188 -4.25 -3.59 -7.01
CA GLY B 188 -4.20 -2.29 -6.34
C GLY B 188 -3.25 -1.28 -6.97
N MET B 189 -2.89 -1.49 -8.23
CA MET B 189 -1.88 -0.67 -8.90
C MET B 189 -2.47 0.43 -9.77
N ASP B 190 -1.76 1.55 -9.82
CA ASP B 190 -2.15 2.80 -10.48
C ASP B 190 -1.87 2.80 -11.96
N ILE B 191 -2.31 1.76 -12.67
CA ILE B 191 -2.08 1.69 -14.10
C ILE B 191 -3.45 1.77 -14.76
N ASP B 192 -3.56 2.57 -15.81
CA ASP B 192 -4.84 2.83 -16.48
C ASP B 192 -5.50 1.58 -17.07
N VAL B 193 -4.76 0.89 -17.93
CA VAL B 193 -5.25 -0.33 -18.56
C VAL B 193 -4.32 -1.47 -18.22
N TRP B 194 -4.88 -2.49 -17.56
CA TRP B 194 -4.21 -3.76 -17.38
C TRP B 194 -5.24 -4.90 -17.25
N ASN B 195 -5.58 -5.49 -18.39
CA ASN B 195 -6.42 -6.65 -18.43
C ASN B 195 -5.57 -7.87 -18.51
N ARG B 196 -6.04 -8.89 -17.82
CA ARG B 196 -5.42 -10.17 -17.91
C ARG B 196 -6.33 -11.25 -18.42
N THR B 197 -5.80 -12.06 -19.34
CA THR B 197 -6.44 -13.27 -19.79
C THR B 197 -5.57 -14.48 -19.41
N GLU B 198 -6.16 -15.50 -18.80
CA GLU B 198 -5.43 -16.63 -18.26
C GLU B 198 -6.10 -17.90 -18.71
N ILE B 199 -5.29 -18.90 -19.04
CA ILE B 199 -5.79 -20.23 -19.32
C ILE B 199 -5.10 -21.13 -18.36
N GLN B 200 -5.90 -21.83 -17.59
CA GLN B 200 -5.38 -22.81 -16.64
C GLN B 200 -5.66 -24.16 -17.18
N LEU B 201 -4.63 -24.99 -17.16
CA LEU B 201 -4.69 -26.31 -17.71
C LEU B 201 -4.24 -27.28 -16.66
N ARG B 202 -4.87 -28.44 -16.64
CA ARG B 202 -4.51 -29.52 -15.69
C ARG B 202 -4.25 -30.81 -16.39
N ASP B 203 -3.41 -31.61 -15.75
CA ASP B 203 -3.10 -32.98 -16.16
C ASP B 203 -2.70 -33.04 -17.65
N ASP B 204 -3.37 -33.86 -18.45
CA ASP B 204 -2.94 -34.11 -19.81
C ASP B 204 -2.93 -32.79 -20.62
N ARG B 205 -3.93 -31.95 -20.44
CA ARG B 205 -3.99 -30.64 -21.12
C ARG B 205 -2.75 -29.83 -20.82
N ALA B 206 -2.28 -29.94 -19.61
CA ALA B 206 -1.11 -29.21 -19.24
C ALA B 206 0.15 -29.80 -19.87
N HIS B 207 0.23 -31.10 -19.87
CA HIS B 207 1.32 -31.80 -20.53
C HIS B 207 1.47 -31.45 -22.03
N VAL B 208 0.37 -31.42 -22.76
CA VAL B 208 0.38 -31.08 -24.16
C VAL B 208 0.98 -29.72 -24.40
N VAL B 209 0.55 -28.71 -23.65
CA VAL B 209 1.11 -27.38 -23.83
C VAL B 209 2.60 -27.34 -23.37
N ALA B 210 2.96 -28.10 -22.34
CA ALA B 210 4.31 -28.17 -21.91
C ALA B 210 5.15 -28.70 -23.11
N GLN B 211 4.62 -29.72 -23.78
CA GLN B 211 5.32 -30.43 -24.84
C GLN B 211 5.47 -29.53 -26.07
N ILE B 212 4.43 -28.79 -26.38
CA ILE B 212 4.55 -27.76 -27.35
C ILE B 212 5.66 -26.73 -27.05
N ILE B 213 5.78 -26.33 -25.80
CA ILE B 213 6.84 -25.35 -25.41
C ILE B 213 8.20 -26.04 -25.58
N ALA B 214 8.30 -27.27 -25.10
CA ALA B 214 9.54 -28.03 -25.18
C ALA B 214 10.01 -28.30 -26.66
N ASP B 215 9.08 -28.62 -27.55
CA ASP B 215 9.39 -28.82 -28.98
C ASP B 215 9.79 -27.55 -29.68
N ASP B 216 9.39 -26.42 -29.12
CA ASP B 216 9.85 -25.13 -29.59
C ASP B 216 9.61 -24.85 -31.12
N VAL B 217 8.52 -25.37 -31.65
CA VAL B 217 8.15 -25.18 -33.06
C VAL B 217 7.08 -24.10 -33.28
N LEU B 218 6.04 -24.12 -32.47
CA LEU B 218 4.97 -23.09 -32.48
C LEU B 218 5.16 -22.02 -31.40
N PRO B 219 4.96 -20.74 -31.78
CA PRO B 219 4.85 -19.68 -30.77
C PRO B 219 3.71 -20.00 -29.75
N LEU B 220 3.95 -19.68 -28.50
CA LEU B 220 2.96 -19.86 -27.44
C LEU B 220 1.66 -19.11 -27.79
N GLY B 221 1.83 -17.90 -28.32
CA GLY B 221 0.71 -17.05 -28.78
C GLY B 221 -0.25 -17.78 -29.66
N GLU B 222 0.25 -18.77 -30.39
CA GLU B 222 -0.63 -19.50 -31.30
C GLU B 222 -1.48 -20.54 -30.60
N ILE B 223 -0.94 -21.15 -29.57
CA ILE B 223 -1.70 -22.05 -28.72
C ILE B 223 -2.77 -21.25 -27.92
N VAL B 224 -2.38 -20.15 -27.28
CA VAL B 224 -3.34 -19.33 -26.48
C VAL B 224 -4.46 -18.84 -27.36
N ALA B 225 -4.09 -18.23 -28.48
CA ALA B 225 -5.09 -17.71 -29.43
C ALA B 225 -5.94 -18.79 -30.02
N GLY B 226 -5.33 -19.93 -30.31
CA GLY B 226 -6.12 -21.03 -30.84
C GLY B 226 -7.12 -21.53 -29.83
N LEU B 227 -6.68 -21.68 -28.56
CA LEU B 227 -7.59 -22.20 -27.51
C LEU B 227 -8.74 -21.21 -27.31
N LEU B 228 -8.41 -19.91 -27.21
CA LEU B 228 -9.45 -18.91 -27.00
C LEU B 228 -10.50 -18.89 -28.10
N ARG B 229 -10.02 -18.83 -29.35
CA ARG B 229 -10.86 -18.91 -30.57
C ARG B 229 -11.76 -20.09 -30.56
N ASN B 230 -11.18 -21.25 -30.29
CA ASN B 230 -11.96 -22.48 -30.37
C ASN B 230 -12.99 -22.56 -29.24
N TYR B 231 -12.60 -22.16 -28.04
CA TYR B 231 -13.47 -22.36 -26.86
C TYR B 231 -14.50 -21.25 -26.68
N ILE B 232 -14.20 -20.03 -27.10
CA ILE B 232 -15.11 -18.93 -26.92
C ILE B 232 -15.21 -17.99 -28.12
N GLN B 233 -16.45 -17.71 -28.55
CA GLN B 233 -16.70 -16.81 -29.69
C GLN B 233 -17.60 -15.66 -29.30
N PHE B 234 -17.01 -14.48 -29.13
CA PHE B 234 -17.78 -13.26 -28.98
C PHE B 234 -18.22 -12.77 -30.38
N ARG B 235 -19.53 -12.72 -30.59
CA ARG B 235 -20.07 -12.43 -31.90
C ARG B 235 -20.84 -11.10 -32.00
N THR B 236 -21.01 -10.60 -33.21
CA THR B 236 -21.81 -9.40 -33.45
C THR B 236 -23.18 -9.82 -33.96
N ARG B 237 -24.21 -9.38 -33.24
CA ARG B 237 -25.60 -9.67 -33.60
C ARG B 237 -25.89 -9.20 -35.02
N LYS B 238 -26.46 -10.07 -35.82
CA LYS B 238 -26.85 -9.78 -37.18
C LYS B 238 -28.38 -9.82 -37.24
N ALA B 239 -29.00 -8.69 -37.57
CA ALA B 239 -30.46 -8.59 -37.67
C ALA B 239 -31.10 -9.59 -38.67
N THR B 240 -30.50 -9.79 -39.84
CA THR B 240 -31.02 -10.74 -40.90
C THR B 240 -31.27 -12.18 -40.40
N ASP B 241 -30.35 -12.71 -39.58
CA ASP B 241 -30.31 -14.12 -39.20
C ASP B 241 -30.50 -14.26 -37.69
N LYS B 242 -31.29 -15.25 -37.29
CA LYS B 242 -31.47 -15.55 -35.88
C LYS B 242 -30.51 -16.63 -35.41
N ASN B 243 -29.89 -17.34 -36.33
CA ASN B 243 -28.97 -18.40 -35.97
C ASN B 243 -27.59 -17.81 -35.56
N LYS B 244 -27.31 -17.86 -34.26
CA LYS B 244 -26.10 -17.29 -33.68
C LYS B 244 -24.85 -17.79 -34.37
N LYS B 245 -24.86 -19.07 -34.75
CA LYS B 245 -23.70 -19.71 -35.36
C LYS B 245 -23.25 -19.09 -36.66
N ARG B 246 -24.04 -18.19 -37.24
CA ARG B 246 -23.65 -17.54 -38.46
C ARG B 246 -23.44 -16.06 -38.28
N TRP B 247 -23.43 -15.59 -37.04
CA TRP B 247 -23.00 -14.22 -36.80
C TRP B 247 -21.49 -14.18 -36.90
N PRO B 248 -20.94 -13.08 -37.43
CA PRO B 248 -19.49 -12.98 -37.52
C PRO B 248 -18.92 -12.74 -36.12
N LEU B 249 -17.68 -13.18 -35.90
CA LEU B 249 -16.95 -12.85 -34.70
C LEU B 249 -16.81 -11.35 -34.56
N ALA B 250 -16.93 -10.83 -33.36
CA ALA B 250 -16.80 -9.39 -33.11
C ALA B 250 -15.40 -8.91 -33.44
N ARG B 251 -15.31 -7.65 -33.86
CA ARG B 251 -14.05 -7.07 -34.34
C ARG B 251 -12.98 -6.98 -33.26
N PHE B 252 -13.35 -6.45 -32.09
CA PHE B 252 -12.37 -6.35 -31.00
C PHE B 252 -11.73 -7.73 -30.75
N TRP B 253 -12.54 -8.78 -30.86
CA TRP B 253 -12.13 -10.15 -30.51
C TRP B 253 -11.19 -10.70 -31.56
N LEU B 254 -11.59 -10.57 -32.83
CA LEU B 254 -10.66 -10.85 -33.95
C LEU B 254 -9.35 -10.09 -33.88
N ASN B 255 -9.40 -8.83 -33.51
CA ASN B 255 -8.16 -8.03 -33.34
C ASN B 255 -7.29 -8.50 -32.20
N PHE B 256 -7.94 -8.84 -31.08
CA PHE B 256 -7.23 -9.38 -29.93
C PHE B 256 -6.54 -10.67 -30.26
N LEU B 257 -7.30 -11.64 -30.79
CA LEU B 257 -6.75 -12.95 -31.14
C LEU B 257 -5.63 -12.89 -32.21
N GLY B 258 -5.79 -11.98 -33.19
CA GLY B 258 -4.76 -11.76 -34.25
C GLY B 258 -3.47 -11.19 -33.69
N ASP B 259 -3.55 -10.31 -32.71
CA ASP B 259 -2.35 -9.77 -32.09
C ASP B 259 -1.74 -10.69 -31.04
N VAL B 260 -2.52 -11.66 -30.55
CA VAL B 260 -2.00 -12.66 -29.60
C VAL B 260 -1.19 -13.76 -30.29
N GLN B 261 -1.68 -14.20 -31.45
CA GLN B 261 -1.01 -15.22 -32.28
C GLN B 261 0.51 -15.26 -32.35
N PRO B 262 1.18 -14.13 -32.62
CA PRO B 262 2.63 -14.18 -32.81
C PRO B 262 3.46 -14.11 -31.54
N LEU B 263 2.79 -13.98 -30.42
CA LEU B 263 3.52 -13.78 -29.18
C LEU B 263 4.32 -15.02 -28.79
N ARG B 264 5.47 -14.77 -28.19
CA ARG B 264 6.43 -15.81 -27.88
C ARG B 264 6.89 -15.71 -26.47
N ILE B 265 7.26 -16.83 -25.89
CA ILE B 265 8.11 -16.80 -24.69
C ILE B 265 9.55 -16.66 -25.09
N ALA B 266 10.15 -15.55 -24.70
CA ALA B 266 11.56 -15.33 -24.99
C ALA B 266 12.45 -16.45 -24.41
N LYS B 267 13.57 -16.69 -25.11
CA LYS B 267 14.66 -17.58 -24.65
C LYS B 267 15.48 -17.04 -23.49
N GLN B 268 15.62 -15.72 -23.38
CA GLN B 268 16.26 -15.13 -22.20
C GLN B 268 15.17 -14.64 -21.27
N MET B 269 15.33 -14.96 -19.97
CA MET B 269 14.26 -14.77 -18.96
C MET B 269 13.85 -13.31 -18.68
N GLY C 5 6.89 1.22 26.54
CA GLY C 5 6.05 2.35 27.03
C GLY C 5 6.42 3.70 26.34
N LEU C 6 7.28 4.47 27.03
CA LEU C 6 7.90 5.68 26.54
C LEU C 6 9.41 5.46 26.43
N LYS C 7 10.02 5.74 25.27
CA LYS C 7 11.47 5.58 25.05
C LYS C 7 12.07 6.86 24.49
N PRO C 8 13.08 7.40 25.18
CA PRO C 8 13.79 8.56 24.69
C PRO C 8 14.92 8.18 23.73
N CYS C 9 15.35 9.13 22.90
CA CYS C 9 16.48 8.89 22.03
C CYS C 9 16.97 10.17 21.39
N VAL C 10 18.19 10.09 20.90
CA VAL C 10 18.78 11.10 20.14
C VAL C 10 18.38 10.82 18.72
N ASP C 11 17.95 11.86 18.01
CA ASP C 11 17.37 11.68 16.69
C ASP C 11 17.95 12.57 15.57
N TRP C 12 18.96 13.37 15.87
CA TRP C 12 19.66 14.12 14.82
C TRP C 12 20.84 14.68 15.47
N LEU C 13 21.94 14.66 14.76
CA LEU C 13 23.13 15.31 15.25
C LEU C 13 23.98 15.86 14.10
N GLN C 14 24.35 17.12 14.23
CA GLN C 14 25.22 17.77 13.26
C GLN C 14 26.28 18.53 14.07
N VAL C 15 27.54 18.27 13.76
CA VAL C 15 28.66 18.86 14.48
C VAL C 15 29.79 19.19 13.51
N THR C 16 30.51 20.24 13.80
CA THR C 16 31.62 20.64 12.97
C THR C 16 32.86 20.62 13.85
N PHE C 17 33.89 19.91 13.37
CA PHE C 17 35.21 19.94 14.00
C PHE C 17 36.03 21.09 13.46
N LYS C 18 36.37 22.04 14.32
CA LYS C 18 37.04 23.25 13.90
C LYS C 18 38.54 22.95 13.79
N THR C 19 39.21 23.68 12.92
CA THR C 19 40.64 23.48 12.63
C THR C 19 41.41 24.65 13.18
N GLY C 20 42.62 24.36 13.62
CA GLY C 20 43.62 25.36 13.99
C GLY C 20 43.24 26.36 15.06
N GLN C 21 42.39 25.95 16.01
CA GLN C 21 42.04 26.85 17.12
C GLN C 21 43.16 26.75 18.15
N ASP C 22 43.44 27.88 18.81
CA ASP C 22 44.20 27.85 20.05
C ASP C 22 43.25 27.54 21.20
N SER C 23 43.03 26.25 21.44
CA SER C 23 42.06 25.75 22.40
C SER C 23 42.68 24.84 23.45
N VAL C 24 42.07 24.74 24.63
CA VAL C 24 42.47 23.74 25.65
C VAL C 24 42.13 22.29 25.19
N LYS C 25 41.11 22.16 24.34
CA LYS C 25 40.70 20.89 23.78
C LYS C 25 41.42 20.63 22.46
N LYS C 26 41.47 19.37 22.06
CA LYS C 26 42.16 18.96 20.85
C LYS C 26 41.37 19.28 19.55
N CYS C 27 42.04 19.94 18.61
CA CYS C 27 41.51 20.15 17.27
C CYS C 27 41.65 18.87 16.47
N VAL C 28 40.64 18.51 15.72
CA VAL C 28 40.72 17.39 14.82
C VAL C 28 40.94 17.91 13.41
N GLU C 29 41.85 17.27 12.68
CA GLU C 29 42.18 17.70 11.32
C GLU C 29 42.09 16.62 10.25
N LYS C 30 41.90 15.37 10.65
CA LYS C 30 41.88 14.27 9.67
C LYS C 30 40.60 13.46 9.73
N LEU C 31 40.12 13.07 8.55
CA LEU C 31 38.93 12.23 8.47
C LEU C 31 39.05 10.98 9.31
N GLU C 32 40.22 10.37 9.31
CA GLU C 32 40.45 9.12 10.03
C GLU C 32 40.18 9.31 11.53
N LYS C 33 40.63 10.44 12.05
CA LYS C 33 40.43 10.76 13.46
C LYS C 33 38.92 10.89 13.73
N VAL C 34 38.21 11.54 12.81
CA VAL C 34 36.76 11.65 12.94
C VAL C 34 36.12 10.27 13.03
N PHE C 35 36.48 9.37 12.13
CA PHE C 35 35.91 8.02 12.15
C PHE C 35 36.16 7.37 13.52
N GLU C 36 37.32 7.62 14.07
CA GLU C 36 37.69 7.00 15.34
C GLU C 36 36.87 7.60 16.47
N ILE C 37 36.70 8.90 16.45
CA ILE C 37 35.87 9.55 17.46
C ILE C 37 34.46 8.96 17.49
N LEU C 38 33.94 8.63 16.31
CA LEU C 38 32.62 8.06 16.19
C LEU C 38 32.59 6.59 16.53
N GLY C 39 33.78 5.99 16.70
CA GLY C 39 33.86 4.55 16.99
C GLY C 39 33.40 3.74 15.79
N LEU C 40 33.71 4.20 14.59
CA LEU C 40 33.26 3.54 13.36
C LEU C 40 34.46 3.19 12.46
N ASN C 41 34.31 2.07 11.76
CA ASN C 41 35.34 1.49 10.94
C ASN C 41 35.58 2.33 9.70
N GLU C 42 36.79 2.86 9.62
CA GLU C 42 37.27 3.62 8.47
C GLU C 42 36.98 2.97 7.12
N ALA C 43 37.25 1.68 7.01
CA ALA C 43 37.09 0.99 5.74
C ALA C 43 35.65 1.02 5.28
N GLU C 44 34.70 1.27 6.19
CA GLU C 44 33.30 1.24 5.79
C GLU C 44 32.75 2.51 5.17
N PHE C 45 33.57 3.56 5.13
CA PHE C 45 33.14 4.81 4.58
C PHE C 45 33.45 4.90 3.09
N LEU C 46 32.45 5.28 2.30
CA LEU C 46 32.64 5.40 0.85
C LEU C 46 32.36 6.78 0.39
N PRO C 47 32.97 7.20 -0.74
CA PRO C 47 32.73 8.55 -1.26
C PRO C 47 31.27 8.78 -1.68
N LEU C 48 30.77 9.99 -1.51
CA LEU C 48 29.46 10.34 -1.98
C LEU C 48 29.58 11.03 -3.36
N LYS C 49 28.52 11.01 -4.17
CA LYS C 49 28.57 11.69 -5.46
C LYS C 49 28.86 13.17 -5.20
N ASN C 50 28.16 13.77 -4.25
CA ASN C 50 28.26 15.21 -4.01
C ASN C 50 28.61 15.56 -2.60
N GLY C 51 29.20 16.73 -2.44
CA GLY C 51 29.31 17.38 -1.14
C GLY C 51 27.94 17.96 -0.77
N LYS C 52 27.94 18.92 0.16
CA LYS C 52 26.75 19.47 0.71
C LYS C 52 27.16 20.63 1.59
N TYR C 53 26.25 21.59 1.79
CA TYR C 53 26.50 22.76 2.63
C TYR C 53 27.80 23.51 2.37
N GLY C 54 28.28 23.56 1.17
CA GLY C 54 29.54 24.35 1.09
C GLY C 54 30.80 23.55 1.19
N TYR C 55 30.65 22.26 1.48
CA TYR C 55 31.75 21.33 1.45
C TYR C 55 31.76 20.61 0.13
N LYS C 56 32.93 20.59 -0.51
CA LYS C 56 33.06 20.05 -1.86
C LYS C 56 32.96 18.51 -1.94
N GLN C 57 33.36 17.86 -0.88
CA GLN C 57 33.40 16.41 -0.90
C GLN C 57 32.78 15.85 0.35
N GLY C 58 32.41 14.59 0.28
CA GLY C 58 31.90 13.89 1.43
C GLY C 58 32.08 12.40 1.32
N VAL C 59 32.13 11.76 2.49
CA VAL C 59 32.04 10.32 2.60
C VAL C 59 30.86 9.95 3.48
N ALA C 60 30.45 8.70 3.41
CA ALA C 60 29.34 8.25 4.17
C ALA C 60 29.50 6.79 4.54
N PHE C 61 28.92 6.44 5.68
CA PHE C 61 29.01 5.11 6.21
C PHE C 61 28.26 4.17 5.27
N GLN C 62 28.98 3.16 4.78
CA GLN C 62 28.42 2.22 3.80
C GLN C 62 27.77 2.94 2.64
N GLY C 63 28.31 4.09 2.25
CA GLY C 63 27.77 4.87 1.15
C GLY C 63 26.44 5.54 1.45
N ASN C 64 25.95 5.44 2.69
CA ASN C 64 24.59 5.89 3.00
C ASN C 64 24.59 7.31 3.60
N PRO C 65 24.02 8.28 2.88
CA PRO C 65 24.10 9.69 3.28
C PRO C 65 23.41 10.07 4.58
N VAL C 66 22.64 9.16 5.19
CA VAL C 66 22.08 9.40 6.53
C VAL C 66 23.18 9.50 7.62
N LEU C 67 24.41 9.14 7.28
CA LEU C 67 25.49 9.24 8.22
C LEU C 67 26.70 9.65 7.41
N ALA C 68 26.94 10.95 7.38
CA ALA C 68 27.82 11.52 6.42
C ALA C 68 28.88 12.37 7.10
N VAL C 69 30.02 12.49 6.45
CA VAL C 69 31.10 13.34 6.91
C VAL C 69 31.55 14.18 5.71
N TYR C 70 31.43 15.50 5.84
CA TYR C 70 31.72 16.41 4.75
C TYR C 70 32.97 17.19 5.04
N TYR C 71 33.72 17.47 3.99
CA TYR C 71 35.00 18.13 4.13
C TYR C 71 35.40 18.86 2.83
N ASP C 72 36.54 19.54 2.88
CA ASP C 72 37.05 20.29 1.74
C ASP C 72 36.12 21.47 1.43
N GLY C 73 35.87 22.26 2.45
CA GLY C 73 35.11 23.46 2.31
C GLY C 73 36.06 24.63 2.28
N ALA C 74 35.54 25.83 2.36
CA ALA C 74 36.39 27.02 2.31
C ALA C 74 37.23 27.06 3.56
N ASP C 75 38.17 28.00 3.58
CA ASP C 75 39.11 28.14 4.70
C ASP C 75 38.35 28.18 6.01
N ASP C 76 38.84 27.41 6.97
CA ASP C 76 38.27 27.36 8.31
C ASP C 76 36.88 26.70 8.46
N MET C 77 36.45 25.93 7.48
CA MET C 77 35.16 25.25 7.66
C MET C 77 35.22 23.87 8.35
N GLY C 78 36.44 23.31 8.44
CA GLY C 78 36.67 22.15 9.23
C GLY C 78 36.04 20.92 8.61
N ILE C 79 35.59 19.99 9.45
CA ILE C 79 34.94 18.80 8.97
C ILE C 79 33.55 18.74 9.63
N HIS C 80 32.52 18.43 8.86
CA HIS C 80 31.16 18.45 9.35
C HIS C 80 30.52 17.05 9.29
N VAL C 81 29.99 16.60 10.42
CA VAL C 81 29.29 15.33 10.47
C VAL C 81 27.83 15.56 10.59
N GLU C 82 27.08 14.82 9.79
CA GLU C 82 25.65 14.89 9.82
C GLU C 82 25.08 13.48 9.99
N MET C 83 24.23 13.35 10.99
CA MET C 83 23.61 12.09 11.34
C MET C 83 22.12 12.36 11.45
N THR C 84 21.35 11.88 10.48
CA THR C 84 19.90 12.05 10.51
C THR C 84 19.29 11.04 11.50
N GLY C 85 17.97 11.01 11.59
CA GLY C 85 17.25 10.04 12.45
C GLY C 85 17.71 8.66 12.15
N GLN C 86 17.58 8.30 10.88
CA GLN C 86 18.00 6.97 10.44
C GLN C 86 19.46 6.77 10.64
N GLY C 87 20.23 7.84 10.48
CA GLY C 87 21.68 7.75 10.70
C GLY C 87 22.04 7.52 12.17
N CYS C 88 21.21 7.99 13.11
CA CYS C 88 21.46 7.78 14.55
C CYS C 88 21.21 6.31 14.86
N ARG C 89 20.17 5.71 14.27
CA ARG C 89 19.97 4.25 14.39
C ARG C 89 21.10 3.43 13.74
N LEU C 90 21.58 3.88 12.59
CA LEU C 90 22.64 3.21 11.91
C LEU C 90 23.93 3.29 12.72
N PHE C 91 24.19 4.46 13.30
CA PHE C 91 25.30 4.65 14.21
C PHE C 91 25.24 3.64 15.33
N GLU C 92 24.07 3.52 15.94
CA GLU C 92 23.89 2.64 17.08
C GLU C 92 24.24 1.19 16.74
N LEU C 93 23.84 0.75 15.56
CA LEU C 93 24.07 -0.62 15.14
C LEU C 93 25.52 -0.99 14.83
N HIS C 94 26.39 -0.02 14.60
CA HIS C 94 27.76 -0.32 14.18
C HIS C 94 28.85 0.31 15.01
N THR C 95 28.53 1.25 15.88
CA THR C 95 29.57 1.94 16.63
C THR C 95 30.10 1.02 17.69
N SER C 96 31.35 1.27 18.06
CA SER C 96 32.02 0.58 19.10
C SER C 96 31.94 1.35 20.42
N ILE C 97 31.28 2.51 20.44
CA ILE C 97 31.08 3.26 21.71
C ILE C 97 29.60 3.43 22.02
N ASN C 98 29.26 4.40 22.86
CA ASN C 98 27.86 4.72 23.12
C ASN C 98 27.61 6.24 23.15
N TRP C 99 26.34 6.61 23.21
CA TRP C 99 25.93 8.00 23.17
C TRP C 99 26.67 8.87 24.22
N TYR C 100 26.70 8.40 25.45
CA TYR C 100 27.33 9.14 26.54
C TYR C 100 28.78 9.44 26.20
N GLU C 101 29.46 8.41 25.70
CA GLU C 101 30.86 8.56 25.32
C GLU C 101 31.03 9.53 24.16
N LEU C 102 30.20 9.41 23.13
CA LEU C 102 30.30 10.31 21.99
C LEU C 102 30.18 11.74 22.48
N PHE C 103 29.18 12.02 23.31
CA PHE C 103 28.96 13.41 23.73
C PHE C 103 30.07 13.89 24.62
N TYR C 104 30.57 12.98 25.46
CA TYR C 104 31.71 13.32 26.29
C TYR C 104 32.83 13.83 25.41
N ARG C 105 33.15 13.05 24.39
CA ARG C 105 34.20 13.41 23.49
C ARG C 105 33.92 14.74 22.82
N LEU C 106 32.68 14.97 22.38
CA LEU C 106 32.37 16.18 21.67
C LEU C 106 32.37 17.39 22.58
N VAL C 107 31.89 17.22 23.80
CA VAL C 107 31.76 18.37 24.69
C VAL C 107 33.09 18.69 25.38
N TYR C 108 33.81 17.66 25.84
CA TYR C 108 34.99 17.85 26.72
C TYR C 108 36.36 17.54 26.10
N GLU C 109 36.43 16.61 25.16
CA GLU C 109 37.73 16.18 24.62
C GLU C 109 38.15 16.99 23.39
N TYR C 110 37.21 17.26 22.48
CA TYR C 110 37.56 17.95 21.24
C TYR C 110 36.85 19.27 21.04
N GLU C 111 37.40 20.05 20.13
CA GLU C 111 36.95 21.37 19.84
C GLU C 111 35.95 21.31 18.68
N VAL C 112 34.66 21.43 19.02
CA VAL C 112 33.60 21.21 18.04
C VAL C 112 32.48 22.20 18.21
N ASN C 113 31.81 22.53 17.12
CA ASN C 113 30.55 23.24 17.21
C ASN C 113 29.43 22.25 16.95
N ILE C 114 28.54 22.14 17.91
CA ILE C 114 27.37 21.33 17.75
C ILE C 114 26.27 22.21 17.20
N THR C 115 25.93 22.02 15.93
CA THR C 115 25.03 22.96 15.28
C THR C 115 23.58 22.53 15.33
N ARG C 116 23.31 21.23 15.46
CA ARG C 116 21.97 20.76 15.64
C ARG C 116 21.92 19.45 16.40
N LEU C 117 20.94 19.35 17.30
CA LEU C 117 20.72 18.10 18.05
C LEU C 117 19.24 17.96 18.25
N ASP C 118 18.68 16.82 17.86
CA ASP C 118 17.23 16.59 18.07
C ASP C 118 17.12 15.49 19.13
N VAL C 119 16.21 15.68 20.04
CA VAL C 119 15.86 14.62 20.96
C VAL C 119 14.40 14.28 20.83
N ALA C 120 14.10 13.00 20.97
CA ALA C 120 12.78 12.48 20.74
C ALA C 120 12.32 11.51 21.87
N VAL C 121 11.01 11.41 21.99
CA VAL C 121 10.34 10.42 22.83
C VAL C 121 9.38 9.62 21.95
N ASP C 122 9.55 8.30 21.90
CA ASP C 122 8.53 7.42 21.33
C ASP C 122 7.49 7.04 22.41
N ASP C 123 6.21 7.13 22.05
CA ASP C 123 5.10 6.79 22.93
C ASP C 123 4.33 5.61 22.30
N PHE C 124 4.46 4.43 22.89
CA PHE C 124 3.76 3.23 22.39
C PHE C 124 2.53 2.92 23.19
N LYS C 125 2.33 3.66 24.27
CA LYS C 125 1.17 3.49 25.14
C LYS C 125 -0.01 4.32 24.65
N GLY C 126 0.21 5.61 24.42
CA GLY C 126 -0.79 6.50 23.86
C GLY C 126 -1.30 7.47 24.92
N TYR C 127 -0.46 8.41 25.34
CA TYR C 127 -0.84 9.36 26.40
C TYR C 127 -1.78 10.43 25.88
N PHE C 128 -1.86 10.53 24.56
CA PHE C 128 -2.80 11.42 23.93
C PHE C 128 -2.87 11.10 22.46
N LYS C 129 -3.90 11.62 21.81
CA LYS C 129 -4.00 11.56 20.38
C LYS C 129 -3.63 12.95 19.86
N ILE C 130 -2.91 12.98 18.73
CA ILE C 130 -2.46 14.25 18.17
C ILE C 130 -3.67 15.16 17.92
N ASN C 131 -4.74 14.53 17.47
CA ASN C 131 -5.96 15.26 17.20
C ASN C 131 -6.58 15.97 18.43
N THR C 132 -6.38 15.41 19.61
CA THR C 132 -6.73 16.11 20.87
C THR C 132 -5.93 17.40 21.06
N LEU C 133 -4.65 17.35 20.73
CA LEU C 133 -3.82 18.55 20.82
C LEU C 133 -4.35 19.59 19.88
N VAL C 134 -4.70 19.15 18.67
CA VAL C 134 -5.18 20.07 17.65
C VAL C 134 -6.44 20.77 18.16
N LYS C 135 -7.32 19.98 18.72
CA LYS C 135 -8.58 20.48 19.20
C LYS C 135 -8.38 21.51 20.34
N LYS C 136 -7.48 21.19 21.28
CA LYS C 136 -7.19 22.11 22.36
C LYS C 136 -6.69 23.44 21.87
N LEU C 137 -5.87 23.38 20.83
CA LEU C 137 -5.35 24.60 20.27
C LEU C 137 -6.46 25.45 19.73
N LYS C 138 -7.35 24.81 19.00
CA LYS C 138 -8.40 25.55 18.29
C LYS C 138 -9.44 26.07 19.27
N ASP C 139 -9.65 25.35 20.37
CA ASP C 139 -10.51 25.81 21.46
C ASP C 139 -9.85 26.84 22.41
N ASP C 140 -8.70 27.39 22.04
CA ASP C 140 -8.03 28.41 22.88
C ASP C 140 -7.66 27.94 24.27
N GLU C 141 -7.28 26.66 24.39
CA GLU C 141 -6.91 26.05 25.64
C GLU C 141 -5.39 25.80 25.78
N VAL C 142 -4.58 26.54 25.03
CA VAL C 142 -3.13 26.31 25.04
C VAL C 142 -2.43 27.64 25.22
N THR C 143 -1.36 27.68 26.03
CA THR C 143 -0.44 28.82 26.00
C THR C 143 0.89 28.29 25.61
N SER C 144 1.73 29.20 25.13
CA SER C 144 3.00 28.84 24.61
C SER C 144 3.86 30.05 24.43
N ARG C 145 5.18 29.87 24.44
CA ARG C 145 6.12 30.87 24.00
C ARG C 145 6.08 31.05 22.47
N PHE C 146 5.61 30.05 21.73
CA PHE C 146 5.38 30.20 20.30
C PHE C 146 4.05 30.95 20.07
N LYS C 147 3.95 31.65 18.97
CA LYS C 147 2.72 32.32 18.57
C LYS C 147 1.71 31.42 17.84
N LYS C 148 2.24 30.50 17.02
CA LYS C 148 1.45 29.67 16.11
C LYS C 148 1.89 28.23 16.18
N ALA C 149 0.98 27.36 15.83
CA ALA C 149 1.29 25.99 15.43
C ALA C 149 0.86 25.69 14.00
N ARG C 150 1.54 24.76 13.32
CA ARG C 150 1.13 24.31 12.02
C ARG C 150 0.61 22.92 12.13
N HIS C 151 -0.59 22.71 11.62
CA HIS C 151 -1.22 21.40 11.65
C HIS C 151 -1.20 20.85 10.23
N ILE C 152 -0.67 19.65 10.07
CA ILE C 152 -0.47 19.03 8.79
C ILE C 152 -1.21 17.71 8.77
N GLU C 153 -1.99 17.50 7.73
CA GLU C 153 -2.75 16.27 7.62
C GLU C 153 -2.67 15.76 6.20
N ASN C 154 -2.57 14.45 6.03
CA ASN C 154 -2.55 13.84 4.69
C ASN C 154 -3.94 13.40 4.29
N ILE C 155 -4.31 13.65 3.04
CA ILE C 155 -5.61 13.33 2.53
C ILE C 155 -5.47 12.44 1.29
N VAL C 156 -6.09 11.25 1.36
CA VAL C 156 -6.06 10.30 0.27
C VAL C 156 -7.13 10.75 -0.67
N ILE C 157 -6.76 11.03 -1.90
CA ILE C 157 -7.64 11.69 -2.83
C ILE C 157 -8.81 10.79 -3.25
N GLU C 158 -8.52 9.52 -3.51
CA GLU C 158 -9.62 8.52 -3.72
C GLU C 158 -10.18 8.04 -2.36
N GLY C 159 -11.29 8.63 -1.97
CA GLY C 159 -11.96 8.27 -0.73
C GLY C 159 -12.04 9.44 0.22
N GLY C 160 -11.01 10.27 0.24
CA GLY C 160 -11.03 11.50 1.04
C GLY C 160 -10.68 11.35 2.50
N GLU C 161 -10.13 10.19 2.90
CA GLU C 161 -9.80 9.98 4.30
C GLU C 161 -8.50 10.73 4.68
N THR C 162 -8.58 11.40 5.82
CA THR C 162 -7.50 12.09 6.45
C THR C 162 -6.76 11.05 7.27
N ILE C 163 -5.55 10.66 6.84
CA ILE C 163 -4.86 9.56 7.49
C ILE C 163 -3.68 9.86 8.42
N GLY C 164 -3.10 11.05 8.40
CA GLY C 164 -2.02 11.25 9.36
C GLY C 164 -2.03 12.66 9.83
N HIS C 165 -1.74 12.90 11.09
CA HIS C 165 -1.73 14.22 11.65
C HIS C 165 -0.33 14.52 12.18
N THR C 166 0.00 15.80 12.15
CA THR C 166 1.25 16.31 12.62
C THR C 166 1.09 17.74 13.11
N LEU C 167 1.75 18.08 14.21
CA LEU C 167 1.81 19.47 14.69
C LEU C 167 3.23 19.94 14.81
N TYR C 168 3.50 21.14 14.34
CA TYR C 168 4.80 21.75 14.42
C TYR C 168 4.65 23.04 15.15
N PHE C 169 5.56 23.28 16.11
CA PHE C 169 5.66 24.54 16.77
C PHE C 169 7.06 25.13 16.53
N GLY C 170 7.11 26.36 16.03
CA GLY C 170 8.38 27.08 15.78
C GLY C 170 8.84 26.91 14.34
N ALA C 171 9.63 27.88 13.86
CA ALA C 171 10.18 27.78 12.50
C ALA C 171 11.30 26.72 12.44
N PRO C 172 11.43 25.99 11.31
CA PRO C 172 12.48 24.92 11.14
C PRO C 172 13.95 25.40 11.26
N SER C 173 14.17 26.69 11.03
CA SER C 173 15.49 27.32 11.03
C SER C 173 15.81 28.00 12.37
N SER C 174 14.78 28.29 13.15
CA SER C 174 14.98 28.81 14.53
C SER C 174 15.67 27.79 15.47
N ASP C 175 16.03 28.22 16.68
CA ASP C 175 16.89 27.41 17.53
C ASP C 175 16.13 26.38 18.42
N ILE C 176 14.80 26.39 18.36
CA ILE C 176 13.99 25.30 18.93
C ILE C 176 12.69 25.10 18.16
N GLN C 177 12.44 23.88 17.71
CA GLN C 177 11.17 23.51 17.13
C GLN C 177 10.68 22.24 17.78
N VAL C 178 9.37 22.16 18.01
CA VAL C 178 8.75 20.97 18.60
C VAL C 178 7.81 20.37 17.57
N ARG C 179 7.86 19.06 17.44
CA ARG C 179 7.01 18.36 16.52
C ARG C 179 6.32 17.15 17.22
N PHE C 180 5.04 16.95 16.93
CA PHE C 180 4.25 15.82 17.47
C PHE C 180 3.64 15.16 16.28
N TYR C 181 3.89 13.87 16.10
CA TYR C 181 3.21 13.18 15.02
C TYR C 181 2.97 11.71 15.25
N GLU C 182 2.11 11.15 14.41
CA GLU C 182 1.80 9.71 14.42
C GLU C 182 2.83 9.01 13.54
N LYS C 183 3.83 8.41 14.17
CA LYS C 183 4.99 7.83 13.48
C LYS C 183 4.63 6.49 12.85
N ASN C 184 3.63 5.81 13.39
CA ASN C 184 3.11 4.59 12.76
C ASN C 184 2.63 4.90 11.33
N VAL C 185 1.82 5.95 11.20
CA VAL C 185 1.36 6.42 9.88
C VAL C 185 2.52 6.85 9.00
N GLN C 186 3.38 7.72 9.52
CA GLN C 186 4.52 8.22 8.77
C GLN C 186 5.44 7.12 8.21
N MET C 187 5.66 6.04 8.98
CA MET C 187 6.56 4.94 8.58
C MET C 187 5.87 3.80 7.84
N GLY C 188 4.56 3.91 7.61
CA GLY C 188 3.81 2.86 6.91
C GLY C 188 3.65 1.55 7.68
N MET C 189 3.87 1.60 8.98
CA MET C 189 3.78 0.42 9.82
C MET C 189 2.42 0.41 10.50
N ASP C 190 1.86 -0.77 10.72
CA ASP C 190 0.52 -0.85 11.37
C ASP C 190 0.58 -1.39 12.80
N ILE C 191 1.11 -0.54 13.66
CA ILE C 191 1.08 -0.72 15.11
C ILE C 191 0.05 0.28 15.55
N ASP C 192 -0.88 -0.10 16.42
CA ASP C 192 -2.02 0.78 16.79
C ASP C 192 -1.57 2.15 17.25
N VAL C 193 -0.62 2.16 18.18
CA VAL C 193 -0.15 3.38 18.78
C VAL C 193 1.35 3.51 18.61
N TRP C 194 1.74 4.59 17.94
CA TRP C 194 3.11 5.05 17.91
C TRP C 194 3.11 6.54 17.64
N ASN C 195 3.10 7.31 18.72
CA ASN C 195 3.25 8.74 18.67
C ASN C 195 4.70 9.09 18.93
N ARG C 196 5.14 10.10 18.21
CA ARG C 196 6.44 10.66 18.44
C ARG C 196 6.39 12.14 18.81
N THR C 197 7.16 12.50 19.83
CA THR C 197 7.41 13.90 20.17
C THR C 197 8.89 14.17 19.93
N GLU C 198 9.21 15.26 19.21
CA GLU C 198 10.59 15.59 18.84
C GLU C 198 10.87 17.03 19.19
N ILE C 199 12.05 17.27 19.73
CA ILE C 199 12.50 18.62 19.95
C ILE C 199 13.79 18.80 19.21
N GLN C 200 13.79 19.77 18.32
CA GLN C 200 14.95 20.11 17.55
C GLN C 200 15.56 21.32 18.13
N LEU C 201 16.87 21.28 18.33
CA LEU C 201 17.64 22.34 18.94
C LEU C 201 18.82 22.68 18.07
N ARG C 202 19.15 23.96 18.02
CA ARG C 202 20.29 24.43 17.25
C ARG C 202 21.21 25.25 18.10
N ASP C 203 22.47 25.28 17.68
CA ASP C 203 23.49 26.14 18.29
C ASP C 203 23.55 26.01 19.85
N ASP C 204 23.47 27.12 20.59
CA ASP C 204 23.70 27.11 22.04
C ASP C 204 22.73 26.19 22.74
N ARG C 205 21.46 26.25 22.34
CA ARG C 205 20.45 25.33 22.85
C ARG C 205 20.91 23.88 22.66
N ALA C 206 21.50 23.55 21.51
CA ALA C 206 21.92 22.18 21.28
C ALA C 206 23.13 21.79 22.16
N HIS C 207 24.05 22.73 22.31
CA HIS C 207 25.23 22.48 23.10
C HIS C 207 24.90 22.17 24.59
N VAL C 208 24.01 22.94 25.17
CA VAL C 208 23.56 22.74 26.54
C VAL C 208 23.03 21.32 26.76
N VAL C 209 22.20 20.85 25.84
CA VAL C 209 21.69 19.51 25.95
C VAL C 209 22.76 18.45 25.71
N ALA C 210 23.70 18.75 24.83
CA ALA C 210 24.80 17.80 24.62
C ALA C 210 25.59 17.58 25.94
N GLN C 211 25.82 18.68 26.62
CA GLN C 211 26.62 18.71 27.84
C GLN C 211 25.91 18.00 28.96
N ILE C 212 24.61 18.22 29.05
CA ILE C 212 23.84 17.42 29.95
C ILE C 212 23.91 15.91 29.68
N ILE C 213 23.90 15.50 28.43
CA ILE C 213 24.01 14.06 28.11
C ILE C 213 25.38 13.55 28.50
N ALA C 214 26.40 14.32 28.18
CA ALA C 214 27.79 13.98 28.51
C ALA C 214 28.02 13.84 30.01
N ASP C 215 27.47 14.74 30.82
CA ASP C 215 27.63 14.71 32.28
C ASP C 215 26.86 13.55 32.91
N ASP C 216 25.84 13.08 32.20
CA ASP C 216 25.12 11.83 32.51
C ASP C 216 24.32 11.87 33.82
N VAL C 217 24.18 13.06 34.42
CA VAL C 217 23.64 13.19 35.77
C VAL C 217 22.13 13.25 35.69
N LEU C 218 21.61 14.20 34.92
CA LEU C 218 20.16 14.35 34.75
C LEU C 218 19.66 13.44 33.66
N PRO C 219 18.55 12.76 33.91
CA PRO C 219 18.05 11.85 32.90
C PRO C 219 17.63 12.67 31.70
N LEU C 220 17.79 12.13 30.49
CA LEU C 220 17.39 12.86 29.27
C LEU C 220 15.92 13.26 29.31
N GLY C 221 15.11 12.34 29.82
CA GLY C 221 13.72 12.60 30.13
C GLY C 221 13.45 13.91 30.84
N GLU C 222 14.37 14.33 31.70
CA GLU C 222 14.09 15.52 32.48
C GLU C 222 14.18 16.71 31.60
N ILE C 223 15.14 16.64 30.69
CA ILE C 223 15.37 17.77 29.80
C ILE C 223 14.24 17.93 28.76
N VAL C 224 13.85 16.83 28.14
CA VAL C 224 12.70 16.87 27.25
C VAL C 224 11.54 17.48 27.98
N ALA C 225 11.24 16.92 29.16
CA ALA C 225 10.10 17.37 29.91
C ALA C 225 10.21 18.85 30.28
N GLY C 226 11.39 19.30 30.65
CA GLY C 226 11.63 20.72 31.04
C GLY C 226 11.46 21.70 29.88
N LEU C 227 11.93 21.29 28.71
CA LEU C 227 11.71 22.11 27.50
C LEU C 227 10.24 22.19 27.09
N LEU C 228 9.55 21.06 27.12
CA LEU C 228 8.13 21.05 26.75
C LEU C 228 7.38 21.99 27.68
N ARG C 229 7.63 21.84 28.98
CA ARG C 229 7.00 22.62 30.05
C ARG C 229 7.21 24.10 29.89
N ASN C 230 8.43 24.50 29.60
CA ASN C 230 8.79 25.89 29.38
C ASN C 230 8.12 26.45 28.09
N TYR C 231 8.09 25.65 27.01
CA TYR C 231 7.56 26.16 25.72
C TYR C 231 6.04 25.98 25.45
N ILE C 232 5.42 24.92 25.95
CA ILE C 232 4.02 24.65 25.64
C ILE C 232 3.19 24.13 26.84
N GLN C 233 2.01 24.72 27.06
CA GLN C 233 1.10 24.32 28.15
C GLN C 233 -0.28 24.02 27.60
N PHE C 234 -0.60 22.73 27.56
CA PHE C 234 -1.97 22.34 27.29
C PHE C 234 -2.80 22.44 28.59
N ARG C 235 -3.84 23.27 28.58
CA ARG C 235 -4.60 23.57 29.79
C ARG C 235 -6.05 23.08 29.76
N THR C 236 -6.66 23.01 30.93
CA THR C 236 -8.09 22.73 31.05
C THR C 236 -8.84 24.03 31.34
N ARG C 237 -9.79 24.31 30.49
CA ARG C 237 -10.66 25.47 30.60
C ARG C 237 -11.37 25.56 31.95
N LYS C 238 -11.37 26.75 32.53
CA LYS C 238 -12.00 27.02 33.83
C LYS C 238 -13.14 28.01 33.67
N ALA C 239 -14.32 27.63 34.18
CA ALA C 239 -15.58 28.34 33.88
C ALA C 239 -15.63 29.83 34.27
N THR C 240 -15.14 30.19 35.46
CA THR C 240 -15.17 31.60 35.85
C THR C 240 -14.00 32.36 35.31
N ASP C 241 -12.79 31.84 35.52
CA ASP C 241 -11.61 32.67 35.31
C ASP C 241 -11.41 32.73 33.79
N LYS C 242 -11.30 33.95 33.28
CA LYS C 242 -11.09 34.15 31.85
C LYS C 242 -9.61 34.23 31.55
N ASN C 243 -8.77 34.33 32.58
CA ASN C 243 -7.33 34.42 32.39
C ASN C 243 -6.69 33.02 32.22
N LYS C 244 -6.34 32.71 30.98
CA LYS C 244 -5.84 31.40 30.58
C LYS C 244 -4.68 31.02 31.41
N LYS C 245 -3.87 32.00 31.79
CA LYS C 245 -2.65 31.78 32.55
C LYS C 245 -2.86 31.16 33.95
N ARG C 246 -4.09 31.08 34.43
CA ARG C 246 -4.35 30.46 35.72
C ARG C 246 -5.20 29.22 35.55
N TRP C 247 -5.41 28.75 34.32
CA TRP C 247 -6.04 27.47 34.17
C TRP C 247 -4.99 26.41 34.52
N PRO C 248 -5.43 25.29 35.12
CA PRO C 248 -4.46 24.25 35.43
C PRO C 248 -4.05 23.54 34.14
N LEU C 249 -2.84 23.02 34.14
CA LEU C 249 -2.40 22.15 33.08
C LEU C 249 -3.31 20.93 32.97
N ALA C 250 -3.58 20.48 31.76
CA ALA C 250 -4.42 19.31 31.56
C ALA C 250 -3.78 18.05 32.15
N ARG C 251 -4.63 17.12 32.55
CA ARG C 251 -4.15 15.90 33.17
C ARG C 251 -3.32 14.99 32.27
N PHE C 252 -3.79 14.70 31.06
CA PHE C 252 -3.02 13.85 30.14
C PHE C 252 -1.60 14.42 29.92
N TRP C 253 -1.50 15.76 29.93
CA TRP C 253 -0.24 16.46 29.72
C TRP C 253 0.64 16.34 30.94
N LEU C 254 0.07 16.59 32.13
CA LEU C 254 0.82 16.35 33.39
C LEU C 254 1.29 14.91 33.53
N ASN C 255 0.44 13.96 33.14
CA ASN C 255 0.81 12.55 33.19
C ASN C 255 1.95 12.25 32.21
N PHE C 256 1.85 12.82 31.01
CA PHE C 256 2.88 12.61 30.01
C PHE C 256 4.20 13.13 30.50
N LEU C 257 4.24 14.40 30.91
CA LEU C 257 5.47 15.05 31.37
C LEU C 257 6.08 14.37 32.59
N GLY C 258 5.22 13.93 33.53
CA GLY C 258 5.66 13.22 34.72
C GLY C 258 6.26 11.85 34.39
N ASP C 259 5.69 11.11 33.45
CA ASP C 259 6.27 9.82 33.04
C ASP C 259 7.48 9.96 32.11
N VAL C 260 7.65 11.13 31.49
CA VAL C 260 8.82 11.40 30.67
C VAL C 260 10.03 11.68 31.56
N GLN C 261 9.84 12.48 32.62
CA GLN C 261 10.93 12.93 33.52
C GLN C 261 12.04 11.94 33.89
N PRO C 262 11.69 10.72 34.34
CA PRO C 262 12.72 9.77 34.73
C PRO C 262 13.43 9.03 33.58
N LEU C 263 13.00 9.21 32.34
CA LEU C 263 13.55 8.42 31.25
C LEU C 263 15.04 8.69 30.96
N ARG C 264 15.79 7.62 30.65
CA ARG C 264 17.23 7.68 30.40
C ARG C 264 17.56 7.06 29.05
N ILE C 265 18.56 7.61 28.37
CA ILE C 265 19.10 6.96 27.16
C ILE C 265 19.73 5.65 27.53
N ALA C 266 19.27 4.55 26.94
CA ALA C 266 19.86 3.24 27.24
C ALA C 266 21.38 3.26 27.01
N LYS C 267 22.10 2.61 27.92
CA LYS C 267 23.57 2.72 28.01
C LYS C 267 24.31 1.87 26.99
N GLN C 268 23.72 0.73 26.65
CA GLN C 268 24.23 -0.16 25.63
C GLN C 268 23.40 0.00 24.35
N MET C 269 24.02 -0.08 23.17
CA MET C 269 23.30 0.10 21.91
C MET C 269 22.56 -1.21 21.54
N SER D 1 -40.46 -31.38 -3.67
CA SER D 1 -40.31 -32.09 -2.36
C SER D 1 -41.38 -31.61 -1.32
N HIS D 2 -41.29 -32.08 -0.09
CA HIS D 2 -42.17 -31.61 0.99
C HIS D 2 -41.38 -30.72 1.91
N MET D 3 -40.23 -30.26 1.44
CA MET D 3 -39.37 -29.36 2.22
C MET D 3 -40.06 -28.06 2.41
N SER D 4 -40.14 -27.60 3.66
CA SER D 4 -40.76 -26.30 3.93
C SER D 4 -40.16 -25.67 5.16
N GLY D 5 -40.44 -24.38 5.29
CA GLY D 5 -39.96 -23.58 6.42
C GLY D 5 -38.47 -23.21 6.37
N LEU D 6 -37.96 -22.93 7.56
CA LEU D 6 -36.60 -22.65 7.81
C LEU D 6 -36.06 -23.82 8.60
N LYS D 7 -34.83 -24.27 8.33
CA LYS D 7 -34.18 -25.33 9.11
C LYS D 7 -32.70 -24.97 9.34
N PRO D 8 -32.24 -25.01 10.58
CA PRO D 8 -30.86 -24.75 10.90
C PRO D 8 -30.04 -26.03 10.82
N CYS D 9 -28.72 -25.92 10.68
CA CYS D 9 -27.88 -27.08 10.74
C CYS D 9 -26.43 -26.69 10.91
N VAL D 10 -25.64 -27.66 11.32
CA VAL D 10 -24.21 -27.58 11.33
C VAL D 10 -23.79 -28.06 9.95
N ASP D 11 -22.87 -27.34 9.30
CA ASP D 11 -22.55 -27.62 7.91
C ASP D 11 -21.05 -27.77 7.60
N TRP D 12 -20.20 -27.62 8.59
CA TRP D 12 -18.79 -27.88 8.38
C TRP D 12 -18.21 -27.97 9.73
N LEU D 13 -17.25 -28.85 9.90
CA LEU D 13 -16.51 -28.94 11.13
C LEU D 13 -15.10 -29.43 10.91
N GLN D 14 -14.16 -28.72 11.48
CA GLN D 14 -12.75 -29.11 11.43
C GLN D 14 -12.21 -28.92 12.84
N VAL D 15 -11.59 -29.95 13.38
CA VAL D 15 -10.99 -29.92 14.70
C VAL D 15 -9.67 -30.64 14.70
N THR D 16 -8.77 -30.22 15.56
CA THR D 16 -7.47 -30.86 15.71
C THR D 16 -7.30 -31.30 17.16
N PHE D 17 -7.03 -32.59 17.36
CA PHE D 17 -6.72 -33.12 18.71
C PHE D 17 -5.25 -32.94 18.98
N LYS D 18 -4.94 -32.10 19.95
CA LYS D 18 -3.55 -31.73 20.25
C LYS D 18 -2.94 -32.80 21.12
N THR D 19 -1.62 -32.86 21.05
CA THR D 19 -0.83 -33.89 21.69
C THR D 19 0.20 -33.21 22.59
N GLY D 20 0.48 -33.88 23.69
CA GLY D 20 1.55 -33.51 24.59
C GLY D 20 1.41 -32.16 25.26
N GLN D 21 0.17 -31.70 25.42
CA GLN D 21 -0.12 -30.53 26.21
C GLN D 21 -0.25 -30.99 27.65
N ASP D 22 0.29 -30.20 28.56
CA ASP D 22 -0.09 -30.36 29.95
C ASP D 22 -1.42 -29.61 30.14
N SER D 23 -2.52 -30.33 29.90
CA SER D 23 -3.84 -29.74 29.95
C SER D 23 -4.71 -30.33 31.04
N VAL D 24 -5.69 -29.58 31.51
CA VAL D 24 -6.69 -30.11 32.45
C VAL D 24 -7.62 -31.14 31.76
N LYS D 25 -7.81 -30.98 30.44
CA LYS D 25 -8.64 -31.91 29.65
C LYS D 25 -7.77 -33.01 29.05
N LYS D 26 -8.42 -34.10 28.67
CA LYS D 26 -7.72 -35.28 28.18
C LYS D 26 -7.18 -35.05 26.73
N CYS D 27 -5.89 -35.33 26.54
CA CYS D 27 -5.29 -35.40 25.22
C CYS D 27 -5.69 -36.72 24.55
N VAL D 28 -6.03 -36.68 23.26
CA VAL D 28 -6.33 -37.88 22.50
C VAL D 28 -5.14 -38.16 21.61
N GLU D 29 -4.73 -39.43 21.56
CA GLU D 29 -3.53 -39.79 20.81
C GLU D 29 -3.72 -40.90 19.80
N LYS D 30 -4.88 -41.54 19.83
CA LYS D 30 -5.15 -42.71 18.99
C LYS D 30 -6.37 -42.52 18.12
N LEU D 31 -6.27 -42.99 16.90
CA LEU D 31 -7.36 -42.93 15.97
C LEU D 31 -8.63 -43.56 16.52
N GLU D 32 -8.46 -44.67 17.22
CA GLU D 32 -9.59 -45.44 17.70
C GLU D 32 -10.40 -44.59 18.65
N LYS D 33 -9.69 -43.84 19.48
CA LYS D 33 -10.34 -42.98 20.42
C LYS D 33 -11.17 -41.93 19.63
N VAL D 34 -10.57 -41.36 18.58
CA VAL D 34 -11.23 -40.36 17.80
C VAL D 34 -12.56 -40.93 17.29
N PHE D 35 -12.54 -42.15 16.76
CA PHE D 35 -13.77 -42.76 16.22
C PHE D 35 -14.84 -42.88 17.31
N GLU D 36 -14.39 -43.14 18.52
CA GLU D 36 -15.32 -43.33 19.64
C GLU D 36 -15.92 -42.00 20.02
N ILE D 37 -15.08 -40.96 20.08
CA ILE D 37 -15.57 -39.63 20.40
C ILE D 37 -16.66 -39.19 19.42
N LEU D 38 -16.49 -39.52 18.15
CA LEU D 38 -17.49 -39.22 17.14
C LEU D 38 -18.76 -40.09 17.22
N GLY D 39 -18.75 -41.13 18.04
CA GLY D 39 -19.86 -42.11 18.08
C GLY D 39 -20.00 -42.88 16.79
N LEU D 40 -18.87 -43.19 16.17
CA LEU D 40 -18.87 -43.91 14.89
C LEU D 40 -18.06 -45.20 15.01
N ASN D 41 -18.54 -46.21 14.28
CA ASN D 41 -17.93 -47.56 14.34
C ASN D 41 -16.57 -47.59 13.66
N GLU D 42 -15.55 -47.93 14.44
CA GLU D 42 -14.20 -48.12 13.94
C GLU D 42 -14.12 -48.94 12.67
N ALA D 43 -14.89 -50.03 12.65
CA ALA D 43 -14.86 -50.94 11.50
C ALA D 43 -15.23 -50.24 10.22
N GLU D 44 -15.93 -49.11 10.29
CA GLU D 44 -16.36 -48.45 9.07
C GLU D 44 -15.36 -47.47 8.45
N PHE D 45 -14.23 -47.26 9.08
CA PHE D 45 -13.22 -46.37 8.53
C PHE D 45 -12.23 -47.10 7.64
N LEU D 46 -11.96 -46.55 6.46
CA LEU D 46 -10.98 -47.10 5.55
C LEU D 46 -9.86 -46.11 5.22
N PRO D 47 -8.66 -46.61 4.89
CA PRO D 47 -7.56 -45.74 4.47
C PRO D 47 -7.86 -44.92 3.22
N LEU D 48 -7.32 -43.71 3.15
CA LEU D 48 -7.42 -42.88 1.94
C LEU D 48 -6.14 -43.02 1.13
N LYS D 49 -6.21 -42.72 -0.16
CA LYS D 49 -5.02 -42.78 -0.99
C LYS D 49 -4.01 -41.83 -0.34
N ASN D 50 -4.43 -40.58 -0.17
CA ASN D 50 -3.53 -39.47 0.18
C ASN D 50 -3.92 -38.81 1.50
N GLY D 51 -2.92 -38.18 2.10
CA GLY D 51 -3.15 -37.24 3.20
C GLY D 51 -3.62 -35.90 2.65
N LYS D 52 -3.46 -34.85 3.44
CA LYS D 52 -3.95 -33.52 3.14
C LYS D 52 -3.37 -32.56 4.16
N TYR D 53 -3.28 -31.27 3.83
CA TYR D 53 -2.81 -30.21 4.73
C TYR D 53 -1.50 -30.45 5.43
N GLY D 54 -0.55 -31.11 4.82
CA GLY D 54 0.61 -31.40 5.68
C GLY D 54 0.57 -32.70 6.51
N TYR D 55 -0.58 -33.41 6.55
CA TYR D 55 -0.66 -34.74 7.14
C TYR D 55 -0.42 -35.78 6.07
N LYS D 56 0.52 -36.67 6.33
CA LYS D 56 0.94 -37.68 5.38
C LYS D 56 -0.10 -38.78 5.11
N GLN D 57 -0.94 -39.07 6.07
CA GLN D 57 -1.90 -40.16 5.93
C GLN D 57 -3.29 -39.73 6.38
N GLY D 58 -4.30 -40.49 5.95
CA GLY D 58 -5.66 -40.31 6.39
C GLY D 58 -6.54 -41.55 6.30
N VAL D 59 -7.58 -41.58 7.12
CA VAL D 59 -8.69 -42.52 6.96
C VAL D 59 -10.01 -41.75 6.80
N ALA D 60 -11.04 -42.45 6.37
CA ALA D 60 -12.32 -41.84 6.13
C ALA D 60 -13.48 -42.82 6.34
N PHE D 61 -14.62 -42.28 6.75
CA PHE D 61 -15.80 -43.07 7.05
C PHE D 61 -16.33 -43.66 5.77
N GLN D 62 -16.43 -45.00 5.75
CA GLN D 62 -16.77 -45.75 4.54
C GLN D 62 -15.92 -45.34 3.36
N GLY D 63 -14.67 -44.99 3.59
CA GLY D 63 -13.78 -44.56 2.49
C GLY D 63 -14.11 -43.21 1.91
N ASN D 64 -15.07 -42.49 2.52
CA ASN D 64 -15.54 -41.25 1.91
C ASN D 64 -14.88 -39.98 2.49
N PRO D 65 -14.11 -39.25 1.68
CA PRO D 65 -13.29 -38.14 2.18
C PRO D 65 -14.06 -36.93 2.75
N VAL D 66 -15.36 -36.86 2.56
CA VAL D 66 -16.18 -35.83 3.21
C VAL D 66 -16.14 -35.95 4.72
N LEU D 67 -15.63 -37.05 5.24
CA LEU D 67 -15.61 -37.28 6.66
C LEU D 67 -14.34 -38.00 6.93
N ALA D 68 -13.32 -37.24 7.21
CA ALA D 68 -11.96 -37.69 7.14
C ALA D 68 -11.23 -37.41 8.41
N VAL D 69 -10.24 -38.22 8.67
CA VAL D 69 -9.39 -38.08 9.82
C VAL D 69 -7.98 -38.18 9.31
N TYR D 70 -7.20 -37.11 9.50
CA TYR D 70 -5.83 -37.03 9.02
C TYR D 70 -4.85 -37.11 10.15
N TYR D 71 -3.70 -37.71 9.85
CA TYR D 71 -2.69 -37.92 10.92
C TYR D 71 -1.27 -38.04 10.32
N ASP D 72 -0.27 -38.13 11.19
CA ASP D 72 1.09 -38.33 10.76
C ASP D 72 1.60 -37.08 10.05
N GLY D 73 1.43 -35.98 10.72
CA GLY D 73 1.96 -34.71 10.24
C GLY D 73 3.22 -34.38 11.00
N ALA D 74 3.72 -33.15 10.85
CA ALA D 74 4.97 -32.72 11.50
C ALA D 74 4.75 -32.70 12.99
N ASP D 75 5.85 -32.54 13.73
CA ASP D 75 5.80 -32.59 15.18
C ASP D 75 4.70 -31.68 15.70
N ASP D 76 3.91 -32.21 16.62
CA ASP D 76 2.86 -31.44 17.29
C ASP D 76 1.66 -31.07 16.37
N MET D 77 1.45 -31.78 15.28
CA MET D 77 0.25 -31.51 14.46
C MET D 77 -0.97 -32.35 14.82
N GLY D 78 -0.77 -33.39 15.63
CA GLY D 78 -1.90 -34.08 16.25
C GLY D 78 -2.74 -34.82 15.23
N ILE D 79 -4.03 -34.94 15.47
CA ILE D 79 -4.93 -35.63 14.57
C ILE D 79 -5.99 -34.60 14.16
N HIS D 80 -6.26 -34.49 12.87
CA HIS D 80 -7.19 -33.50 12.35
C HIS D 80 -8.42 -34.13 11.72
N VAL D 81 -9.60 -33.76 12.22
CA VAL D 81 -10.86 -34.27 11.66
C VAL D 81 -11.49 -33.18 10.77
N GLU D 82 -11.95 -33.57 9.59
CA GLU D 82 -12.62 -32.71 8.69
C GLU D 82 -13.92 -33.30 8.22
N MET D 83 -14.97 -32.51 8.36
CA MET D 83 -16.31 -32.95 8.07
C MET D 83 -16.88 -31.83 7.22
N THR D 84 -17.03 -32.08 5.92
CA THR D 84 -17.62 -31.10 5.03
C THR D 84 -19.14 -31.10 5.23
N GLY D 85 -19.84 -30.31 4.43
CA GLY D 85 -21.31 -30.28 4.45
C GLY D 85 -21.85 -31.68 4.33
N GLN D 86 -21.45 -32.36 3.27
CA GLN D 86 -21.93 -33.71 3.02
C GLN D 86 -21.50 -34.64 4.12
N GLY D 87 -20.33 -34.39 4.68
CA GLY D 87 -19.88 -35.21 5.79
C GLY D 87 -20.67 -35.01 7.06
N CYS D 88 -21.23 -33.81 7.25
CA CYS D 88 -22.06 -33.59 8.42
C CYS D 88 -23.33 -34.38 8.27
N ARG D 89 -23.90 -34.40 7.08
CA ARG D 89 -25.07 -35.28 6.85
C ARG D 89 -24.76 -36.77 7.03
N LEU D 90 -23.59 -37.16 6.54
CA LEU D 90 -23.20 -38.54 6.67
C LEU D 90 -23.00 -38.89 8.13
N PHE D 91 -22.37 -38.00 8.88
CA PHE D 91 -22.26 -38.15 10.34
C PHE D 91 -23.62 -38.38 10.99
N GLU D 92 -24.57 -37.56 10.62
CA GLU D 92 -25.89 -37.62 11.24
C GLU D 92 -26.56 -38.94 11.01
N LEU D 93 -26.43 -39.48 9.81
CA LEU D 93 -27.06 -40.75 9.49
C LEU D 93 -26.52 -41.95 10.29
N HIS D 94 -25.29 -41.89 10.78
CA HIS D 94 -24.63 -43.08 11.33
C HIS D 94 -24.12 -42.94 12.74
N THR D 95 -24.04 -41.71 13.27
CA THR D 95 -23.49 -41.55 14.60
C THR D 95 -24.51 -42.04 15.59
N SER D 96 -23.98 -42.46 16.74
CA SER D 96 -24.79 -42.92 17.83
C SER D 96 -25.00 -41.79 18.84
N ILE D 97 -24.43 -40.62 18.62
CA ILE D 97 -24.63 -39.51 19.58
C ILE D 97 -25.40 -38.35 18.94
N ASN D 98 -25.44 -37.21 19.66
CA ASN D 98 -26.14 -35.99 19.24
C ASN D 98 -25.08 -34.90 19.02
N TRP D 99 -25.43 -33.93 18.18
CA TRP D 99 -24.52 -32.80 17.93
C TRP D 99 -24.08 -32.21 19.25
N TYR D 100 -25.03 -31.94 20.13
CA TYR D 100 -24.67 -31.32 21.42
C TYR D 100 -23.70 -32.18 22.19
N GLU D 101 -23.89 -33.50 22.16
CA GLU D 101 -22.94 -34.41 22.83
C GLU D 101 -21.54 -34.35 22.23
N LEU D 102 -21.48 -34.38 20.91
CA LEU D 102 -20.16 -34.23 20.22
C LEU D 102 -19.48 -32.95 20.67
N PHE D 103 -20.23 -31.86 20.63
CA PHE D 103 -19.62 -30.59 20.99
C PHE D 103 -19.29 -30.54 22.49
N TYR D 104 -20.14 -31.11 23.34
CA TYR D 104 -19.79 -31.25 24.77
C TYR D 104 -18.40 -31.87 24.89
N ARG D 105 -18.22 -32.99 24.23
CA ARG D 105 -16.95 -33.69 24.34
C ARG D 105 -15.79 -32.85 23.84
N LEU D 106 -15.99 -32.16 22.72
CA LEU D 106 -14.92 -31.37 22.15
C LEU D 106 -14.62 -30.15 22.98
N VAL D 107 -15.68 -29.56 23.54
CA VAL D 107 -15.49 -28.35 24.32
C VAL D 107 -14.97 -28.62 25.76
N TYR D 108 -15.55 -29.60 26.45
CA TYR D 108 -15.32 -29.78 27.91
C TYR D 108 -14.47 -31.00 28.26
N GLU D 109 -14.53 -32.06 27.48
CA GLU D 109 -13.89 -33.30 27.86
C GLU D 109 -12.48 -33.44 27.29
N TYR D 110 -12.29 -33.08 26.01
CA TYR D 110 -10.95 -33.26 25.42
C TYR D 110 -10.27 -31.97 25.00
N GLU D 111 -8.96 -32.07 24.81
CA GLU D 111 -8.10 -30.94 24.42
C GLU D 111 -8.02 -30.83 22.89
N VAL D 112 -8.80 -29.90 22.34
CA VAL D 112 -8.95 -29.80 20.91
C VAL D 112 -8.90 -28.35 20.47
N ASN D 113 -8.39 -28.10 19.28
CA ASN D 113 -8.63 -26.82 18.60
C ASN D 113 -9.70 -27.00 17.56
N ILE D 114 -10.77 -26.24 17.74
CA ILE D 114 -11.83 -26.23 16.77
C ILE D 114 -11.48 -25.16 15.78
N THR D 115 -11.03 -25.54 14.59
CA THR D 115 -10.46 -24.57 13.67
C THR D 115 -11.49 -23.98 12.75
N ARG D 116 -12.58 -24.70 12.49
CA ARG D 116 -13.64 -24.17 11.66
C ARG D 116 -14.97 -24.82 11.97
N LEU D 117 -16.00 -23.99 12.02
CA LEU D 117 -17.38 -24.47 12.21
C LEU D 117 -18.29 -23.60 11.38
N ASP D 118 -19.12 -24.21 10.54
CA ASP D 118 -20.04 -23.46 9.74
C ASP D 118 -21.40 -23.78 10.26
N VAL D 119 -22.24 -22.76 10.42
CA VAL D 119 -23.65 -23.00 10.71
C VAL D 119 -24.49 -22.37 9.59
N ALA D 120 -25.63 -23.00 9.32
CA ALA D 120 -26.44 -22.66 8.21
C ALA D 120 -27.92 -22.67 8.55
N VAL D 121 -28.67 -21.96 7.74
CA VAL D 121 -30.10 -22.00 7.67
C VAL D 121 -30.58 -22.29 6.25
N ASP D 122 -31.42 -23.29 6.09
CA ASP D 122 -32.11 -23.54 4.81
C ASP D 122 -33.45 -22.87 4.82
N ASP D 123 -33.75 -22.17 3.75
CA ASP D 123 -35.01 -21.45 3.60
C ASP D 123 -35.75 -22.08 2.42
N PHE D 124 -36.82 -22.82 2.72
CA PHE D 124 -37.67 -23.43 1.68
C PHE D 124 -38.92 -22.65 1.39
N LYS D 125 -39.16 -21.59 2.17
CA LYS D 125 -40.34 -20.76 1.98
C LYS D 125 -40.08 -19.64 1.02
N GLY D 126 -38.98 -18.92 1.25
CA GLY D 126 -38.56 -17.85 0.35
C GLY D 126 -38.78 -16.50 0.99
N TYR D 127 -37.99 -16.18 2.01
CA TYR D 127 -38.09 -14.89 2.65
C TYR D 127 -37.53 -13.75 1.81
N PHE D 128 -36.73 -14.08 0.80
CA PHE D 128 -36.13 -13.08 -0.04
C PHE D 128 -35.51 -13.79 -1.21
N LYS D 129 -35.20 -13.04 -2.22
CA LYS D 129 -34.40 -13.54 -3.33
C LYS D 129 -33.00 -12.97 -3.14
N ILE D 130 -31.98 -13.79 -3.44
CA ILE D 130 -30.60 -13.32 -3.30
C ILE D 130 -30.37 -12.06 -4.13
N ASN D 131 -31.03 -12.01 -5.29
CA ASN D 131 -30.88 -10.85 -6.16
C ASN D 131 -31.38 -9.55 -5.55
N THR D 132 -32.42 -9.66 -4.74
CA THR D 132 -32.87 -8.50 -3.94
C THR D 132 -31.78 -7.98 -3.01
N LEU D 133 -31.04 -8.88 -2.40
CA LEU D 133 -29.90 -8.46 -1.57
C LEU D 133 -28.84 -7.75 -2.38
N VAL D 134 -28.55 -8.30 -3.55
CA VAL D 134 -27.51 -7.73 -4.44
C VAL D 134 -27.92 -6.30 -4.79
N LYS D 135 -29.18 -6.14 -5.13
CA LYS D 135 -29.71 -4.86 -5.56
C LYS D 135 -29.60 -3.86 -4.43
N LYS D 136 -29.98 -4.28 -3.22
CA LYS D 136 -29.92 -3.39 -2.08
C LYS D 136 -28.50 -2.92 -1.82
N LEU D 137 -27.56 -3.82 -1.97
CA LEU D 137 -26.16 -3.43 -1.83
C LEU D 137 -25.76 -2.36 -2.86
N LYS D 138 -26.19 -2.52 -4.09
CA LYS D 138 -25.74 -1.65 -5.19
C LYS D 138 -26.44 -0.31 -5.11
N ASP D 139 -27.67 -0.32 -4.59
CA ASP D 139 -28.41 0.91 -4.29
C ASP D 139 -28.01 1.57 -2.97
N ASP D 140 -26.92 1.18 -2.38
CA ASP D 140 -26.45 1.81 -1.14
C ASP D 140 -27.44 1.74 0.05
N GLU D 141 -28.16 0.64 0.17
CA GLU D 141 -29.17 0.44 1.18
C GLU D 141 -28.76 -0.58 2.26
N VAL D 142 -27.46 -0.79 2.42
CA VAL D 142 -26.95 -1.76 3.36
C VAL D 142 -25.86 -1.18 4.19
N THR D 143 -25.85 -1.44 5.50
CA THR D 143 -24.68 -1.16 6.33
C THR D 143 -24.23 -2.48 6.91
N SER D 144 -22.97 -2.51 7.37
CA SER D 144 -22.33 -3.74 7.77
C SER D 144 -21.02 -3.49 8.45
N ARG D 145 -20.61 -4.41 9.31
CA ARG D 145 -19.29 -4.42 9.84
C ARG D 145 -18.26 -4.80 8.77
N PHE D 146 -18.68 -5.47 7.68
CA PHE D 146 -17.80 -5.72 6.53
C PHE D 146 -17.72 -4.52 5.63
N LYS D 147 -16.60 -4.38 4.95
CA LYS D 147 -16.37 -3.32 3.96
C LYS D 147 -16.94 -3.61 2.57
N LYS D 148 -16.85 -4.88 2.14
CA LYS D 148 -17.22 -5.30 0.76
C LYS D 148 -17.97 -6.63 0.75
N ALA D 149 -18.72 -6.83 -0.30
CA ALA D 149 -19.31 -8.12 -0.63
C ALA D 149 -18.83 -8.62 -2.01
N ARG D 150 -18.69 -9.92 -2.21
CA ARG D 150 -18.44 -10.46 -3.52
C ARG D 150 -19.73 -11.08 -4.04
N HIS D 151 -20.11 -10.66 -5.23
CA HIS D 151 -21.26 -11.16 -5.89
C HIS D 151 -20.85 -12.06 -7.08
N ILE D 152 -21.34 -13.28 -7.09
CA ILE D 152 -21.13 -14.23 -8.16
C ILE D 152 -22.45 -14.61 -8.79
N GLU D 153 -22.49 -14.58 -10.10
CA GLU D 153 -23.68 -15.04 -10.83
C GLU D 153 -23.27 -15.98 -11.97
N ASN D 154 -24.12 -16.95 -12.27
CA ASN D 154 -23.87 -17.82 -13.39
C ASN D 154 -24.64 -17.37 -14.58
N ILE D 155 -24.01 -17.44 -15.75
CA ILE D 155 -24.64 -17.06 -16.97
C ILE D 155 -24.61 -18.26 -17.91
N VAL D 156 -25.80 -18.66 -18.39
CA VAL D 156 -25.92 -19.75 -19.35
C VAL D 156 -25.59 -19.13 -20.67
N ILE D 157 -24.58 -19.64 -21.32
CA ILE D 157 -24.09 -19.04 -22.54
C ILE D 157 -25.12 -19.10 -23.71
N GLU D 158 -25.77 -20.25 -23.89
CA GLU D 158 -26.86 -20.33 -24.89
C GLU D 158 -28.12 -19.80 -24.27
N GLY D 159 -28.46 -18.55 -24.57
CA GLY D 159 -29.66 -17.90 -24.06
C GLY D 159 -29.34 -16.64 -23.26
N GLY D 160 -28.20 -16.65 -22.55
CA GLY D 160 -27.75 -15.49 -21.79
C GLY D 160 -28.44 -15.26 -20.43
N GLU D 161 -29.18 -16.23 -19.93
CA GLU D 161 -29.91 -16.07 -18.69
C GLU D 161 -28.97 -16.22 -17.50
N THR D 162 -29.13 -15.30 -16.58
CA THR D 162 -28.44 -15.31 -15.29
C THR D 162 -29.22 -16.21 -14.31
N ILE D 163 -28.67 -17.36 -13.91
CA ILE D 163 -29.45 -18.33 -13.12
C ILE D 163 -29.13 -18.51 -11.67
N GLY D 164 -27.99 -18.12 -11.19
CA GLY D 164 -27.80 -18.37 -9.74
C GLY D 164 -26.96 -17.28 -9.17
N HIS D 165 -27.35 -16.79 -8.01
CA HIS D 165 -26.69 -15.71 -7.38
C HIS D 165 -26.10 -16.18 -6.07
N THR D 166 -24.90 -15.68 -5.76
CA THR D 166 -24.20 -15.96 -4.52
C THR D 166 -23.58 -14.67 -4.00
N LEU D 167 -23.69 -14.42 -2.71
CA LEU D 167 -23.04 -13.29 -2.06
C LEU D 167 -22.17 -13.75 -0.92
N TYR D 168 -20.94 -13.24 -0.85
CA TYR D 168 -19.98 -13.58 0.17
C TYR D 168 -19.54 -12.28 0.88
N PHE D 169 -19.62 -12.27 2.22
CA PHE D 169 -19.19 -11.14 3.03
C PHE D 169 -18.07 -11.59 3.92
N GLY D 170 -16.95 -10.89 3.83
CA GLY D 170 -15.73 -11.22 4.57
C GLY D 170 -14.78 -12.09 3.74
N ALA D 171 -13.49 -12.10 4.11
CA ALA D 171 -12.50 -12.94 3.44
C ALA D 171 -12.61 -14.40 3.92
N PRO D 172 -12.31 -15.38 3.02
CA PRO D 172 -12.46 -16.83 3.37
C PRO D 172 -11.52 -17.30 4.49
N SER D 173 -10.41 -16.59 4.66
CA SER D 173 -9.36 -16.93 5.64
C SER D 173 -9.66 -16.28 6.96
N SER D 174 -10.41 -15.17 6.95
CA SER D 174 -10.80 -14.49 8.20
C SER D 174 -11.74 -15.32 9.07
N ASP D 175 -11.96 -14.85 10.30
CA ASP D 175 -12.56 -15.71 11.29
C ASP D 175 -14.10 -15.67 11.26
N ILE D 176 -14.68 -14.81 10.42
CA ILE D 176 -16.13 -14.89 10.17
C ILE D 176 -16.46 -14.47 8.77
N GLN D 177 -17.12 -15.35 8.01
CA GLN D 177 -17.62 -15.05 6.69
C GLN D 177 -19.08 -15.41 6.66
N VAL D 178 -19.88 -14.59 5.97
CA VAL D 178 -21.27 -14.89 5.76
C VAL D 178 -21.51 -15.11 4.25
N ARG D 179 -22.34 -16.11 3.91
CA ARG D 179 -22.64 -16.44 2.53
C ARG D 179 -24.13 -16.63 2.35
N PHE D 180 -24.64 -16.18 1.23
CA PHE D 180 -26.03 -16.34 0.89
C PHE D 180 -26.01 -16.92 -0.51
N TYR D 181 -26.69 -18.05 -0.75
CA TYR D 181 -26.87 -18.48 -2.15
C TYR D 181 -28.11 -19.31 -2.40
N GLU D 182 -28.40 -19.48 -3.68
CA GLU D 182 -29.51 -20.32 -4.16
C GLU D 182 -29.03 -21.76 -4.27
N LYS D 183 -29.34 -22.55 -3.26
CA LYS D 183 -28.79 -23.89 -3.10
C LYS D 183 -29.50 -24.88 -4.03
N ASN D 184 -30.72 -24.58 -4.43
CA ASN D 184 -31.36 -25.35 -5.47
C ASN D 184 -30.53 -25.32 -6.75
N VAL D 185 -30.15 -24.11 -7.17
CA VAL D 185 -29.34 -23.92 -8.37
C VAL D 185 -28.00 -24.58 -8.20
N GLN D 186 -27.33 -24.33 -7.10
CA GLN D 186 -26.03 -24.90 -6.81
C GLN D 186 -26.01 -26.44 -6.86
N MET D 187 -27.04 -27.09 -6.33
CA MET D 187 -27.09 -28.55 -6.22
C MET D 187 -27.71 -29.21 -7.45
N GLY D 188 -28.14 -28.43 -8.44
CA GLY D 188 -28.81 -28.99 -9.62
C GLY D 188 -30.19 -29.59 -9.36
N MET D 189 -30.82 -29.21 -8.27
CA MET D 189 -32.09 -29.81 -7.87
C MET D 189 -33.28 -28.99 -8.29
N ASP D 190 -34.36 -29.69 -8.64
CA ASP D 190 -35.54 -29.07 -9.19
C ASP D 190 -36.52 -28.70 -8.06
N ILE D 191 -36.11 -27.79 -7.17
CA ILE D 191 -37.01 -27.25 -6.14
C ILE D 191 -37.11 -25.76 -6.43
N ASP D 192 -38.31 -25.20 -6.42
CA ASP D 192 -38.51 -23.79 -6.75
C ASP D 192 -37.74 -22.85 -5.78
N VAL D 193 -37.87 -23.10 -4.47
CA VAL D 193 -37.23 -22.27 -3.46
C VAL D 193 -36.35 -23.09 -2.56
N TRP D 194 -35.05 -22.74 -2.58
CA TRP D 194 -34.09 -23.24 -1.65
C TRP D 194 -32.93 -22.28 -1.54
N ASN D 195 -33.06 -21.36 -0.62
CA ASN D 195 -31.98 -20.44 -0.30
C ASN D 195 -31.24 -20.96 0.91
N ARG D 196 -29.94 -20.72 0.90
CA ARG D 196 -29.07 -21.05 2.01
C ARG D 196 -28.30 -19.83 2.54
N THR D 197 -28.29 -19.67 3.87
CA THR D 197 -27.50 -18.64 4.58
C THR D 197 -26.57 -19.32 5.54
N GLU D 198 -25.30 -18.99 5.46
CA GLU D 198 -24.25 -19.76 6.07
C GLU D 198 -23.38 -18.74 6.79
N ILE D 199 -22.94 -19.13 7.96
CA ILE D 199 -21.91 -18.40 8.66
C ILE D 199 -20.77 -19.34 8.93
N GLN D 200 -19.61 -18.95 8.43
CA GLN D 200 -18.41 -19.73 8.60
C GLN D 200 -17.55 -19.03 9.62
N LEU D 201 -17.13 -19.80 10.62
CA LEU D 201 -16.42 -19.32 11.78
C LEU D 201 -15.14 -20.08 11.90
N ARG D 202 -14.08 -19.39 12.25
CA ARG D 202 -12.79 -20.03 12.46
C ARG D 202 -12.26 -19.75 13.87
N ASP D 203 -11.43 -20.67 14.35
CA ASP D 203 -10.69 -20.53 15.64
C ASP D 203 -11.62 -20.14 16.84
N ASP D 204 -11.31 -19.05 17.57
CA ASP D 204 -12.04 -18.68 18.78
C ASP D 204 -13.54 -18.50 18.52
N ARG D 205 -13.87 -17.87 17.40
CA ARG D 205 -15.25 -17.70 17.03
C ARG D 205 -15.94 -19.03 16.89
N ALA D 206 -15.23 -20.00 16.33
CA ALA D 206 -15.86 -21.29 16.13
C ALA D 206 -16.02 -22.00 17.45
N HIS D 207 -15.03 -21.88 18.31
CA HIS D 207 -15.10 -22.47 19.65
C HIS D 207 -16.32 -21.97 20.49
N VAL D 208 -16.56 -20.66 20.51
CA VAL D 208 -17.64 -20.10 21.27
C VAL D 208 -18.93 -20.70 20.83
N VAL D 209 -19.14 -20.80 19.50
CA VAL D 209 -20.42 -21.32 18.99
C VAL D 209 -20.54 -22.82 19.28
N ALA D 210 -19.40 -23.51 19.26
CA ALA D 210 -19.38 -24.92 19.61
C ALA D 210 -19.86 -25.08 21.07
N GLN D 211 -19.35 -24.21 21.95
CA GLN D 211 -19.69 -24.22 23.38
C GLN D 211 -21.19 -23.98 23.59
N ILE D 212 -21.71 -23.01 22.90
CA ILE D 212 -23.12 -22.76 22.98
C ILE D 212 -23.96 -23.97 22.54
N ILE D 213 -23.51 -24.66 21.50
CA ILE D 213 -24.24 -25.83 21.03
C ILE D 213 -24.16 -26.93 22.09
N ALA D 214 -22.94 -27.12 22.64
CA ALA D 214 -22.66 -28.05 23.71
C ALA D 214 -23.57 -27.84 24.92
N ASP D 215 -23.71 -26.59 25.38
CA ASP D 215 -24.45 -26.29 26.58
C ASP D 215 -25.94 -26.50 26.32
N ASP D 216 -26.34 -26.46 25.05
CA ASP D 216 -27.71 -26.78 24.60
C ASP D 216 -28.85 -25.87 25.11
N VAL D 217 -28.50 -24.71 25.63
CA VAL D 217 -29.48 -23.87 26.28
C VAL D 217 -30.11 -22.95 25.24
N LEU D 218 -29.29 -22.17 24.56
CA LEU D 218 -29.82 -21.20 23.58
C LEU D 218 -30.10 -21.90 22.29
N PRO D 219 -31.22 -21.60 21.67
CA PRO D 219 -31.45 -22.15 20.35
C PRO D 219 -30.38 -21.68 19.38
N LEU D 220 -29.94 -22.58 18.49
CA LEU D 220 -28.90 -22.23 17.50
C LEU D 220 -29.36 -21.03 16.68
N GLY D 221 -30.64 -21.02 16.35
CA GLY D 221 -31.29 -19.89 15.70
C GLY D 221 -30.98 -18.53 16.28
N GLU D 222 -30.79 -18.46 17.60
CA GLU D 222 -30.54 -17.18 18.24
C GLU D 222 -29.14 -16.68 17.96
N ILE D 223 -28.22 -17.61 17.87
CA ILE D 223 -26.85 -17.23 17.58
C ILE D 223 -26.76 -16.79 16.13
N VAL D 224 -27.36 -17.56 15.24
CA VAL D 224 -27.29 -17.22 13.82
C VAL D 224 -27.91 -15.86 13.64
N ALA D 225 -29.14 -15.72 14.14
CA ALA D 225 -29.86 -14.44 13.99
C ALA D 225 -29.16 -13.27 14.65
N GLY D 226 -28.54 -13.50 15.80
CA GLY D 226 -27.81 -12.42 16.47
C GLY D 226 -26.60 -11.99 15.68
N LEU D 227 -25.89 -12.96 15.14
CA LEU D 227 -24.70 -12.63 14.30
C LEU D 227 -25.06 -11.92 13.01
N LEU D 228 -26.06 -12.42 12.31
CA LEU D 228 -26.47 -11.74 11.08
C LEU D 228 -26.90 -10.29 11.30
N ARG D 229 -27.77 -10.08 12.33
CA ARG D 229 -28.28 -8.77 12.76
C ARG D 229 -27.15 -7.79 13.03
N ASN D 230 -26.19 -8.25 13.78
CA ASN D 230 -25.06 -7.43 14.14
C ASN D 230 -24.13 -7.14 12.97
N TYR D 231 -23.90 -8.13 12.10
CA TYR D 231 -22.92 -7.92 11.03
C TYR D 231 -23.49 -7.23 9.79
N ILE D 232 -24.77 -7.44 9.52
CA ILE D 232 -25.31 -6.95 8.30
C ILE D 232 -26.69 -6.38 8.52
N GLN D 233 -26.91 -5.17 8.03
CA GLN D 233 -28.23 -4.54 8.06
C GLN D 233 -28.67 -4.19 6.64
N PHE D 234 -29.65 -4.93 6.15
CA PHE D 234 -30.40 -4.52 4.97
C PHE D 234 -31.47 -3.48 5.40
N ARG D 235 -31.39 -2.27 4.84
CA ARG D 235 -32.27 -1.19 5.21
C ARG D 235 -33.22 -0.70 4.12
N THR D 236 -34.27 0.01 4.53
CA THR D 236 -35.19 0.62 3.60
C THR D 236 -34.92 2.13 3.51
N ARG D 237 -34.62 2.57 2.30
CA ARG D 237 -34.31 3.96 2.02
C ARG D 237 -35.42 4.86 2.53
N LYS D 238 -35.05 5.88 3.27
CA LYS D 238 -35.97 6.88 3.79
C LYS D 238 -35.62 8.23 3.15
N ALA D 239 -36.52 8.74 2.32
CA ALA D 239 -36.30 10.04 1.64
C ALA D 239 -35.96 11.21 2.58
N THR D 240 -36.63 11.30 3.74
CA THR D 240 -36.42 12.38 4.74
C THR D 240 -34.97 12.59 5.20
N ASP D 241 -34.26 11.49 5.39
CA ASP D 241 -32.93 11.46 5.98
C ASP D 241 -31.91 10.85 5.02
N LYS D 242 -30.73 11.44 4.95
CA LYS D 242 -29.65 10.87 4.15
C LYS D 242 -28.68 10.05 4.96
N ASN D 243 -28.81 10.08 6.27
CA ASN D 243 -27.96 9.24 7.11
C ASN D 243 -28.50 7.79 7.09
N LYS D 244 -27.77 6.90 6.41
CA LYS D 244 -28.16 5.49 6.26
C LYS D 244 -28.41 4.83 7.61
N LYS D 245 -27.61 5.19 8.62
CA LYS D 245 -27.71 4.66 9.97
C LYS D 245 -29.06 4.87 10.67
N ARG D 246 -29.93 5.69 10.12
CA ARG D 246 -31.23 5.88 10.70
C ARG D 246 -32.35 5.41 9.80
N TRP D 247 -32.03 4.71 8.72
CA TRP D 247 -33.09 4.05 8.00
C TRP D 247 -33.51 2.82 8.78
N PRO D 248 -34.79 2.44 8.70
CA PRO D 248 -35.22 1.25 9.42
C PRO D 248 -34.73 0.02 8.66
N LEU D 249 -34.51 -1.08 9.39
CA LEU D 249 -34.20 -2.38 8.79
C LEU D 249 -35.34 -2.81 7.89
N ALA D 250 -35.03 -3.39 6.76
CA ALA D 250 -36.05 -3.81 5.84
C ALA D 250 -36.94 -4.91 6.45
N ARG D 251 -38.20 -4.93 6.01
CA ARG D 251 -39.20 -5.83 6.55
C ARG D 251 -38.87 -7.31 6.31
N PHE D 252 -38.52 -7.66 5.07
CA PHE D 252 -38.18 -9.07 4.77
C PHE D 252 -37.04 -9.55 5.68
N TRP D 253 -36.12 -8.64 6.02
CA TRP D 253 -34.95 -8.95 6.84
C TRP D 253 -35.35 -9.14 8.30
N LEU D 254 -36.16 -8.23 8.84
CA LEU D 254 -36.71 -8.40 10.19
C LEU D 254 -37.53 -9.67 10.31
N ASN D 255 -38.32 -9.98 9.29
CA ASN D 255 -39.11 -11.20 9.30
C ASN D 255 -38.25 -12.43 9.27
N PHE D 256 -37.18 -12.40 8.46
CA PHE D 256 -36.27 -13.51 8.35
C PHE D 256 -35.59 -13.75 9.70
N LEU D 257 -34.96 -12.70 10.24
CA LEU D 257 -34.23 -12.83 11.47
C LEU D 257 -35.17 -13.29 12.64
N GLY D 258 -36.40 -12.76 12.68
CA GLY D 258 -37.39 -13.08 13.74
C GLY D 258 -37.85 -14.54 13.64
N ASP D 259 -38.01 -15.07 12.43
CA ASP D 259 -38.34 -16.51 12.27
C ASP D 259 -37.15 -17.45 12.39
N VAL D 260 -35.94 -16.91 12.29
CA VAL D 260 -34.72 -17.72 12.52
C VAL D 260 -34.48 -17.92 14.03
N GLN D 261 -34.66 -16.87 14.80
CA GLN D 261 -34.39 -16.86 16.25
C GLN D 261 -34.72 -18.13 17.02
N PRO D 262 -35.93 -18.67 16.86
CA PRO D 262 -36.34 -19.80 17.73
C PRO D 262 -35.84 -21.16 17.24
N LEU D 263 -35.18 -21.19 16.10
CA LEU D 263 -34.80 -22.46 15.51
C LEU D 263 -33.77 -23.25 16.31
N ARG D 264 -33.98 -24.56 16.38
CA ARG D 264 -33.15 -25.48 17.19
C ARG D 264 -32.64 -26.60 16.30
N ILE D 265 -31.41 -27.03 16.53
CA ILE D 265 -30.91 -28.23 15.87
C ILE D 265 -31.80 -29.41 16.25
N ALA D 266 -32.35 -30.12 15.27
CA ALA D 266 -33.16 -31.32 15.53
C ALA D 266 -32.40 -32.34 16.38
N LYS D 267 -33.11 -32.95 17.31
CA LYS D 267 -32.47 -33.74 18.37
C LYS D 267 -32.25 -35.20 18.07
N GLN D 268 -33.15 -35.86 17.32
CA GLN D 268 -33.01 -37.31 17.13
C GLN D 268 -33.17 -37.71 15.66
#